data_4XCB
#
_entry.id   4XCB
#
_cell.length_a   50.220
_cell.length_b   117.431
_cell.length_c   185.359
_cell.angle_alpha   90.000
_cell.angle_beta   90.000
_cell.angle_gamma   90.000
#
_symmetry.space_group_name_H-M   'P 21 21 21'
#
loop_
_entity.id
_entity.type
_entity.pdbx_description
1 polymer oxidase/hydroxylase
2 non-polymer 'NICKEL (II) ION'
3 non-polymer '2-OXOGLUTARIC ACID'
4 non-polymer 'HYGROMYCIN B VARIANT'
5 water water
#
_entity_poly.entity_id   1
_entity_poly.type   'polypeptide(L)'
_entity_poly.pdbx_seq_one_letter_code
;LHMVPALTREQLYIFDTTGFLVIPGVFGSGEVESFRSELERLDTVDPGFPRTRRYPDLPAASPVFARLALDDRLLAPVRD
VVNQPLRLLEGYGLRRTKDSVLYLHGGNSELLDLGDRQVGRDLSITHTYHDGKLYCPYVKALVYLSDIQSPEDGSFCYVQ
GSHKANFPLLRERAERGENTSLVDSGFPTLSDVFVRSGDVLLLNEALMHGTRRKLTEGDRLLTAFGYGPTFFTEWRELDA
ETADLRGAGYVDHDVEEDFVL
;
_entity_poly.pdbx_strand_id   A,B,C,D
#
# COMPACT_ATOMS: atom_id res chain seq x y z
N LEU A 1 21.05 -24.09 14.56
CA LEU A 1 21.52 -23.93 15.93
C LEU A 1 22.39 -22.69 16.09
N HIS A 2 23.01 -22.26 14.99
CA HIS A 2 23.95 -21.12 14.98
C HIS A 2 23.65 -20.26 13.77
N MET A 3 22.40 -19.83 13.68
CA MET A 3 21.89 -19.11 12.52
C MET A 3 22.35 -17.67 12.50
N VAL A 4 22.87 -17.26 11.35
CA VAL A 4 23.16 -15.86 11.09
C VAL A 4 22.35 -15.48 9.87
N PRO A 5 21.85 -14.23 9.83
CA PRO A 5 20.99 -13.80 8.72
C PRO A 5 21.64 -14.03 7.37
N ALA A 6 20.85 -14.57 6.44
CA ALA A 6 21.34 -14.83 5.10
C ALA A 6 21.70 -13.55 4.40
N LEU A 7 20.90 -12.52 4.65
CA LEU A 7 21.11 -11.21 4.04
C LEU A 7 21.33 -10.15 5.11
N THR A 8 22.31 -9.28 4.89
CA THR A 8 22.57 -8.19 5.80
C THR A 8 21.51 -7.11 5.65
N ARG A 9 21.52 -6.14 6.57
CA ARG A 9 20.63 -4.98 6.50
C ARG A 9 20.80 -4.26 5.16
N GLU A 10 22.04 -4.11 4.74
CA GLU A 10 22.33 -3.42 3.50
C GLU A 10 21.85 -4.22 2.29
N GLN A 11 22.04 -5.54 2.31
CA GLN A 11 21.58 -6.40 1.22
C GLN A 11 20.06 -6.37 1.09
N LEU A 12 19.35 -6.42 2.21
CA LEU A 12 17.89 -6.25 2.19
C LEU A 12 17.49 -4.89 1.65
N TYR A 13 18.23 -3.85 2.05
CA TYR A 13 17.91 -2.50 1.60
C TYR A 13 18.02 -2.43 0.10
N ILE A 14 19.12 -2.95 -0.43
CA ILE A 14 19.36 -2.97 -1.87
C ILE A 14 18.34 -3.82 -2.62
N PHE A 15 18.01 -5.01 -2.10
CA PHE A 15 17.02 -5.82 -2.81
C PHE A 15 15.67 -5.11 -2.85
N ASP A 16 15.29 -4.51 -1.73
CA ASP A 16 14.02 -3.81 -1.65
C ASP A 16 13.99 -2.66 -2.64
N THR A 17 15.07 -1.88 -2.67
CA THR A 17 15.01 -0.63 -3.42
C THR A 17 15.26 -0.81 -4.91
N THR A 18 15.96 -1.89 -5.29
CA THR A 18 16.32 -2.08 -6.69
C THR A 18 15.65 -3.28 -7.37
N GLY A 19 15.12 -4.19 -6.55
CA GLY A 19 14.43 -5.35 -7.09
C GLY A 19 15.33 -6.54 -7.35
N PHE A 20 16.62 -6.39 -7.06
CA PHE A 20 17.52 -7.52 -7.23
C PHE A 20 18.72 -7.34 -6.33
N LEU A 21 19.53 -8.39 -6.26
CA LEU A 21 20.73 -8.36 -5.44
C LEU A 21 21.76 -9.28 -6.06
N VAL A 22 22.94 -8.73 -6.33
CA VAL A 22 24.03 -9.55 -6.82
C VAL A 22 24.86 -10.00 -5.63
N ILE A 23 24.94 -11.32 -5.46
CA ILE A 23 25.72 -11.90 -4.37
C ILE A 23 26.95 -12.51 -4.99
N PRO A 24 28.12 -11.88 -4.77
CA PRO A 24 29.32 -12.32 -5.47
C PRO A 24 29.94 -13.60 -4.91
N GLY A 25 30.50 -14.41 -5.81
CA GLY A 25 31.31 -15.54 -5.44
C GLY A 25 30.66 -16.61 -4.59
N VAL A 26 29.36 -16.85 -4.79
CA VAL A 26 28.66 -17.84 -3.99
C VAL A 26 29.19 -19.24 -4.25
N PHE A 27 29.53 -19.50 -5.50
CA PHE A 27 30.01 -20.82 -5.86
C PHE A 27 31.44 -20.73 -6.35
N GLY A 28 32.28 -21.66 -5.89
CA GLY A 28 33.69 -21.62 -6.23
C GLY A 28 33.94 -22.08 -7.63
N SER A 29 35.16 -21.83 -8.13
CA SER A 29 35.54 -22.20 -9.49
C SER A 29 35.36 -23.70 -9.75
N GLY A 30 35.66 -24.52 -8.75
CA GLY A 30 35.49 -25.96 -8.91
C GLY A 30 34.03 -26.36 -9.04
N GLU A 31 33.17 -25.71 -8.26
CA GLU A 31 31.75 -26.02 -8.33
C GLU A 31 31.17 -25.58 -9.66
N VAL A 32 31.55 -24.37 -10.07
CA VAL A 32 31.17 -23.86 -11.38
C VAL A 32 31.60 -24.83 -12.47
N GLU A 33 32.81 -25.36 -12.35
CA GLU A 33 33.28 -26.38 -13.29
C GLU A 33 32.38 -27.61 -13.28
N SER A 34 31.95 -28.04 -12.10
CA SER A 34 31.05 -29.18 -11.97
C SER A 34 29.72 -28.91 -12.66
N PHE A 35 29.19 -27.69 -12.51
CA PHE A 35 27.92 -27.35 -13.13
C PHE A 35 28.05 -27.29 -14.67
N ARG A 36 29.13 -26.67 -15.15
CA ARG A 36 29.37 -26.61 -16.60
C ARG A 36 29.49 -28.00 -17.21
N SER A 37 30.27 -28.86 -16.57
CA SER A 37 30.45 -30.23 -17.05
C SER A 37 29.13 -30.95 -17.17
N GLU A 38 28.29 -30.82 -16.14
CA GLU A 38 27.00 -31.48 -16.13
C GLU A 38 26.11 -30.99 -17.27
N LEU A 39 26.04 -29.67 -17.48
CA LEU A 39 25.22 -29.13 -18.55
C LEU A 39 25.64 -29.67 -19.91
N GLU A 40 26.95 -29.81 -20.11
CA GLU A 40 27.46 -30.34 -21.38
C GLU A 40 26.96 -31.75 -21.65
N ARG A 41 26.64 -32.48 -20.58
CA ARG A 41 26.13 -33.84 -20.69
C ARG A 41 24.59 -33.92 -20.67
N LEU A 42 23.92 -32.78 -20.80
CA LEU A 42 22.46 -32.78 -20.82
C LEU A 42 21.94 -32.23 -22.13
N ASP A 43 20.69 -32.58 -22.45
CA ASP A 43 20.06 -32.15 -23.69
C ASP A 43 19.40 -30.80 -23.55
N THR A 44 19.35 -30.05 -24.65
CA THR A 44 18.62 -28.78 -24.68
C THR A 44 17.45 -28.82 -25.64
N VAL A 45 16.65 -27.76 -25.58
CA VAL A 45 15.62 -27.52 -26.57
C VAL A 45 15.82 -26.13 -27.17
N ASP A 46 15.17 -25.91 -28.30
CA ASP A 46 15.08 -24.60 -28.92
C ASP A 46 13.90 -23.86 -28.31
N PRO A 47 14.17 -22.81 -27.51
CA PRO A 47 13.10 -22.06 -26.85
C PRO A 47 12.41 -21.08 -27.80
N GLY A 48 12.95 -20.92 -28.99
CA GLY A 48 12.35 -20.06 -29.98
C GLY A 48 12.94 -18.66 -29.99
N PHE A 49 14.05 -18.49 -29.28
CA PHE A 49 14.84 -17.28 -29.37
C PHE A 49 16.11 -17.64 -30.12
N PRO A 50 16.49 -16.82 -31.11
CA PRO A 50 17.67 -17.13 -31.91
C PRO A 50 18.96 -17.22 -31.09
N ARG A 51 19.78 -18.21 -31.43
CA ARG A 51 21.12 -18.38 -30.84
C ARG A 51 21.05 -18.63 -29.33
N THR A 52 19.96 -19.28 -28.94
CA THR A 52 19.67 -19.61 -27.54
C THR A 52 19.23 -21.07 -27.44
N ARG A 53 19.83 -21.80 -26.50
CA ARG A 53 19.39 -23.15 -26.17
C ARG A 53 18.93 -23.18 -24.72
N ARG A 54 17.86 -23.90 -24.44
CA ARG A 54 17.33 -23.98 -23.08
C ARG A 54 17.39 -25.40 -22.52
N TYR A 55 17.88 -25.54 -21.29
CA TYR A 55 17.80 -26.80 -20.56
C TYR A 55 16.50 -26.74 -19.75
N PRO A 56 15.47 -27.47 -20.17
CA PRO A 56 14.14 -27.12 -19.67
C PRO A 56 13.83 -27.43 -18.20
N ASP A 57 14.38 -28.50 -17.65
CA ASP A 57 14.02 -28.89 -16.29
C ASP A 57 15.22 -29.53 -15.61
N LEU A 58 16.12 -28.69 -15.11
CA LEU A 58 17.38 -29.21 -14.59
C LEU A 58 17.24 -30.09 -13.35
N PRO A 59 16.33 -29.76 -12.40
CA PRO A 59 16.30 -30.65 -11.24
C PRO A 59 15.77 -32.04 -11.57
N ALA A 60 14.92 -32.16 -12.59
CA ALA A 60 14.45 -33.47 -13.04
C ALA A 60 15.53 -34.19 -13.84
N ALA A 61 16.34 -33.40 -14.54
CA ALA A 61 17.31 -33.91 -15.49
C ALA A 61 18.58 -34.47 -14.84
N SER A 62 18.91 -33.99 -13.65
CA SER A 62 20.20 -34.31 -13.06
C SER A 62 20.23 -34.05 -11.56
N PRO A 63 20.69 -35.04 -10.78
CA PRO A 63 20.76 -34.89 -9.33
C PRO A 63 21.65 -33.74 -8.89
N VAL A 64 22.64 -33.37 -9.70
CA VAL A 64 23.48 -32.23 -9.39
C VAL A 64 22.65 -30.96 -9.29
N PHE A 65 21.77 -30.76 -10.25
CA PHE A 65 20.97 -29.56 -10.24
C PHE A 65 19.76 -29.68 -9.33
N ALA A 66 19.32 -30.90 -9.05
CA ALA A 66 18.36 -31.10 -7.98
C ALA A 66 18.92 -30.62 -6.64
N ARG A 67 20.20 -30.90 -6.40
CA ARG A 67 20.84 -30.49 -5.16
C ARG A 67 21.11 -28.99 -5.15
N LEU A 68 21.49 -28.46 -6.31
CA LEU A 68 21.72 -27.02 -6.42
C LEU A 68 20.44 -26.26 -6.06
N ALA A 69 19.31 -26.72 -6.57
CA ALA A 69 18.01 -26.08 -6.30
C ALA A 69 17.68 -26.01 -4.81
N LEU A 70 18.20 -26.94 -4.02
CA LEU A 70 17.93 -26.95 -2.59
C LEU A 70 19.13 -26.49 -1.76
N ASP A 71 20.18 -26.00 -2.42
CA ASP A 71 21.37 -25.54 -1.72
C ASP A 71 21.02 -24.37 -0.80
N ASP A 72 21.43 -24.39 0.46
CA ASP A 72 21.08 -23.28 1.35
C ASP A 72 21.74 -21.95 0.94
N ARG A 73 22.73 -21.98 0.05
CA ARG A 73 23.32 -20.73 -0.42
C ARG A 73 22.32 -20.02 -1.32
N LEU A 74 21.39 -20.77 -1.90
CA LEU A 74 20.28 -20.18 -2.62
C LEU A 74 19.06 -19.99 -1.73
N LEU A 75 18.73 -21.03 -0.97
CA LEU A 75 17.50 -20.99 -0.19
C LEU A 75 17.51 -19.95 0.90
N ALA A 76 18.66 -19.74 1.55
CA ALA A 76 18.65 -18.82 2.67
C ALA A 76 18.33 -17.37 2.21
N PRO A 77 19.01 -16.87 1.16
CA PRO A 77 18.58 -15.53 0.73
C PRO A 77 17.16 -15.47 0.13
N VAL A 78 16.74 -16.51 -0.60
CA VAL A 78 15.35 -16.57 -1.10
C VAL A 78 14.33 -16.46 0.03
N ARG A 79 14.54 -17.21 1.10
CA ARG A 79 13.64 -17.16 2.25
C ARG A 79 13.47 -15.75 2.80
N ASP A 80 14.55 -14.97 2.75
CA ASP A 80 14.57 -13.62 3.31
C ASP A 80 13.84 -12.62 2.43
N VAL A 81 13.51 -12.99 1.20
CA VAL A 81 12.75 -12.07 0.35
C VAL A 81 11.35 -12.58 0.02
N VAL A 82 11.12 -13.89 0.19
CA VAL A 82 9.77 -14.44 0.03
C VAL A 82 9.00 -14.50 1.36
N ASN A 83 9.67 -15.01 2.39
CA ASN A 83 9.09 -15.09 3.74
C ASN A 83 7.72 -15.78 3.79
N GLN A 84 7.63 -16.87 3.03
CA GLN A 84 6.47 -17.77 3.01
C GLN A 84 6.99 -19.20 3.03
N PRO A 85 6.15 -20.17 3.45
CA PRO A 85 6.48 -21.56 3.17
C PRO A 85 6.78 -21.71 1.69
N LEU A 86 7.91 -22.32 1.36
CA LEU A 86 8.51 -22.25 0.05
C LEU A 86 8.25 -23.47 -0.83
N ARG A 87 8.15 -23.22 -2.13
CA ARG A 87 8.09 -24.28 -3.12
C ARG A 87 9.01 -23.93 -4.30
N LEU A 88 9.69 -24.93 -4.84
CA LEU A 88 10.47 -24.76 -6.06
C LEU A 88 9.54 -24.74 -7.26
N LEU A 89 9.56 -23.65 -8.04
CA LEU A 89 8.57 -23.50 -9.13
C LEU A 89 9.13 -23.87 -10.50
N GLU A 90 10.44 -23.73 -10.66
CA GLU A 90 11.10 -24.07 -11.91
C GLU A 90 12.62 -24.09 -11.75
N GLY A 91 13.29 -24.78 -12.66
CA GLY A 91 14.73 -24.75 -12.70
C GLY A 91 15.17 -25.04 -14.11
N TYR A 92 15.82 -24.07 -14.74
CA TYR A 92 16.22 -24.23 -16.14
C TYR A 92 17.60 -23.65 -16.40
N GLY A 93 18.13 -23.96 -17.58
CA GLY A 93 19.42 -23.44 -17.98
C GLY A 93 19.32 -22.73 -19.31
N LEU A 94 20.19 -21.76 -19.52
CA LEU A 94 20.23 -21.01 -20.78
C LEU A 94 21.65 -20.92 -21.29
N ARG A 95 21.85 -21.39 -22.51
CA ARG A 95 23.14 -21.29 -23.18
C ARG A 95 23.00 -20.42 -24.41
N ARG A 96 23.77 -19.33 -24.50
CA ARG A 96 23.63 -18.39 -25.61
C ARG A 96 24.95 -18.14 -26.33
N THR A 97 24.84 -17.89 -27.64
CA THR A 97 26.00 -17.51 -28.43
C THR A 97 25.73 -16.15 -29.06
N LYS A 98 26.68 -15.66 -29.86
CA LYS A 98 26.59 -14.31 -30.41
C LYS A 98 25.30 -14.10 -31.23
N ASP A 99 24.81 -12.86 -31.19
CA ASP A 99 23.59 -12.40 -31.86
C ASP A 99 22.31 -12.80 -31.11
N SER A 100 22.46 -13.34 -29.90
CA SER A 100 21.29 -13.63 -29.05
C SER A 100 20.95 -12.42 -28.17
N VAL A 101 19.69 -12.34 -27.76
CA VAL A 101 19.17 -11.19 -27.03
C VAL A 101 17.99 -11.65 -26.19
N LEU A 102 17.70 -10.95 -25.10
CA LEU A 102 16.47 -11.23 -24.34
C LEU A 102 15.76 -9.93 -24.06
N TYR A 103 14.62 -9.74 -24.72
CA TYR A 103 13.89 -8.48 -24.64
C TYR A 103 13.26 -8.33 -23.25
N LEU A 104 12.93 -7.08 -22.90
CA LEU A 104 12.40 -6.79 -21.57
C LEU A 104 11.13 -7.56 -21.25
N HIS A 105 11.02 -7.95 -19.99
CA HIS A 105 9.82 -8.63 -19.48
C HIS A 105 9.70 -8.31 -18.01
N GLY A 106 8.54 -8.60 -17.43
CA GLY A 106 8.29 -8.20 -16.05
C GLY A 106 7.82 -6.75 -16.02
N GLY A 107 7.84 -6.15 -14.84
CA GLY A 107 7.30 -4.81 -14.64
C GLY A 107 6.03 -4.87 -13.80
N ASN A 108 5.99 -4.05 -12.76
CA ASN A 108 4.91 -4.10 -11.76
C ASN A 108 3.52 -3.74 -12.29
N SER A 109 3.45 -2.85 -13.27
CA SER A 109 2.15 -2.34 -13.72
C SER A 109 1.83 -2.51 -15.21
N GLU A 110 2.45 -3.49 -15.87
CA GLU A 110 2.18 -3.70 -17.28
C GLU A 110 0.78 -4.26 -17.46
N LEU A 111 0.23 -4.08 -18.65
CA LEU A 111 -1.18 -4.36 -18.90
C LEU A 111 -1.41 -5.74 -19.47
N LEU A 112 -2.63 -6.24 -19.24
CA LEU A 112 -3.10 -7.47 -19.84
C LEU A 112 -4.56 -7.27 -20.21
N ASP A 113 -4.89 -7.58 -21.46
CA ASP A 113 -6.27 -7.48 -21.93
C ASP A 113 -6.94 -8.81 -21.68
N LEU A 114 -8.07 -8.80 -20.99
CA LEU A 114 -8.80 -10.02 -20.69
C LEU A 114 -10.16 -10.11 -21.38
N GLY A 115 -10.32 -9.42 -22.49
CA GLY A 115 -11.54 -9.53 -23.27
C GLY A 115 -12.54 -8.44 -22.94
N ASP A 116 -13.11 -8.50 -21.74
CA ASP A 116 -14.08 -7.48 -21.33
C ASP A 116 -13.45 -6.42 -20.42
N ARG A 117 -12.14 -6.51 -20.23
CA ARG A 117 -11.44 -5.61 -19.33
C ARG A 117 -9.93 -5.69 -19.50
N GLN A 118 -9.27 -4.62 -19.10
CA GLN A 118 -7.82 -4.58 -19.05
C GLN A 118 -7.34 -4.49 -17.59
N VAL A 119 -6.39 -5.33 -17.21
CA VAL A 119 -5.89 -5.27 -15.83
C VAL A 119 -4.43 -4.86 -15.81
N GLY A 120 -4.00 -4.28 -14.70
CA GLY A 120 -2.65 -3.76 -14.57
C GLY A 120 -1.85 -4.26 -13.39
N ARG A 121 -2.35 -5.32 -12.75
CA ARG A 121 -1.61 -6.03 -11.71
C ARG A 121 -1.54 -7.51 -12.11
N ASP A 122 -0.38 -8.11 -11.89
CA ASP A 122 -0.18 -9.55 -12.03
C ASP A 122 0.09 -10.04 -10.64
N LEU A 123 -0.84 -10.80 -10.08
CA LEU A 123 -0.75 -11.15 -8.67
C LEU A 123 0.38 -12.15 -8.42
N SER A 124 0.92 -12.78 -9.48
CA SER A 124 2.04 -13.72 -9.31
C SER A 124 3.32 -13.00 -8.92
N ILE A 125 3.39 -11.70 -9.18
CA ILE A 125 4.58 -10.94 -8.90
C ILE A 125 4.30 -9.71 -8.03
N THR A 126 3.08 -9.60 -7.53
CA THR A 126 2.70 -8.47 -6.70
C THR A 126 3.24 -8.67 -5.28
N HIS A 127 4.09 -7.75 -4.84
CA HIS A 127 4.84 -7.98 -3.63
C HIS A 127 4.58 -6.88 -2.61
N THR A 128 4.93 -7.17 -1.37
CA THR A 128 4.66 -6.21 -0.32
C THR A 128 5.72 -6.28 0.78
N TYR A 129 5.48 -5.51 1.82
CA TYR A 129 6.38 -5.37 2.96
C TYR A 129 5.54 -5.22 4.22
N HIS A 130 5.96 -5.86 5.30
CA HIS A 130 5.21 -5.81 6.53
C HIS A 130 6.11 -6.16 7.71
N ASP A 131 6.13 -5.28 8.70
CA ASP A 131 6.79 -5.52 9.98
C ASP A 131 8.19 -6.09 9.83
N GLY A 132 9.01 -5.43 9.03
CA GLY A 132 10.41 -5.81 8.95
C GLY A 132 10.75 -6.87 7.92
N LYS A 133 9.74 -7.32 7.18
CA LYS A 133 9.98 -8.41 6.24
C LYS A 133 9.46 -8.10 4.85
N LEU A 134 10.24 -8.44 3.84
CA LEU A 134 9.78 -8.46 2.46
C LEU A 134 8.96 -9.70 2.17
N TYR A 135 7.90 -9.52 1.39
CA TYR A 135 7.08 -10.63 0.93
C TYR A 135 6.95 -10.55 -0.60
N CYS A 136 7.88 -11.21 -1.31
CA CYS A 136 7.82 -11.26 -2.76
C CYS A 136 7.43 -12.66 -3.20
N PRO A 137 6.34 -12.78 -3.94
CA PRO A 137 5.85 -14.14 -4.18
C PRO A 137 6.59 -14.92 -5.29
N TYR A 138 7.35 -14.25 -6.15
CA TYR A 138 8.02 -14.98 -7.22
C TYR A 138 9.41 -14.42 -7.35
N VAL A 139 10.41 -15.18 -6.92
CA VAL A 139 11.80 -14.74 -7.05
C VAL A 139 12.63 -15.82 -7.73
N LYS A 140 13.71 -15.39 -8.37
CA LYS A 140 14.62 -16.26 -9.05
C LYS A 140 16.01 -16.12 -8.50
N ALA A 141 16.72 -17.23 -8.41
CA ALA A 141 18.16 -17.20 -8.21
C ALA A 141 18.81 -17.56 -9.52
N LEU A 142 19.49 -16.58 -10.12
CA LEU A 142 20.27 -16.82 -11.31
C LEU A 142 21.71 -17.12 -10.92
N VAL A 143 22.15 -18.33 -11.24
CA VAL A 143 23.52 -18.74 -11.01
C VAL A 143 24.30 -18.63 -12.32
N TYR A 144 25.14 -17.61 -12.41
CA TYR A 144 25.89 -17.42 -13.65
C TYR A 144 27.10 -18.33 -13.70
N LEU A 145 27.33 -18.92 -14.86
CA LEU A 145 28.40 -19.89 -15.04
C LEU A 145 29.37 -19.39 -16.10
N SER A 146 29.29 -18.11 -16.41
CA SER A 146 30.30 -17.46 -17.26
C SER A 146 30.40 -15.99 -16.85
N ASP A 147 31.50 -15.35 -17.26
CA ASP A 147 31.71 -13.95 -16.97
C ASP A 147 30.97 -13.08 -17.97
N ILE A 148 30.29 -12.06 -17.46
CA ILE A 148 29.57 -11.11 -18.29
C ILE A 148 29.99 -9.72 -17.82
N GLN A 149 30.95 -9.12 -18.53
CA GLN A 149 31.60 -7.93 -17.99
C GLN A 149 31.43 -6.69 -18.88
N SER A 150 30.67 -6.83 -19.95
CA SER A 150 30.39 -5.69 -20.81
C SER A 150 28.99 -5.83 -21.38
N PRO A 151 28.41 -4.74 -21.89
CA PRO A 151 27.14 -4.87 -22.61
C PRO A 151 27.19 -5.90 -23.73
N GLU A 152 28.29 -5.96 -24.49
CA GLU A 152 28.35 -6.86 -25.63
C GLU A 152 28.52 -8.31 -25.23
N ASP A 153 28.75 -8.57 -23.94
CA ASP A 153 28.65 -9.95 -23.43
C ASP A 153 27.18 -10.35 -23.23
N GLY A 154 26.26 -9.41 -23.46
CA GLY A 154 24.85 -9.66 -23.22
C GLY A 154 24.51 -9.47 -21.76
N SER A 155 24.96 -8.36 -21.19
CA SER A 155 24.72 -8.13 -19.78
C SER A 155 23.24 -8.06 -19.47
N PHE A 156 22.90 -8.61 -18.30
CA PHE A 156 21.61 -8.38 -17.68
C PHE A 156 21.35 -6.87 -17.64
N CYS A 157 20.12 -6.48 -17.94
CA CYS A 157 19.74 -5.09 -17.79
C CYS A 157 18.33 -4.98 -17.22
N TYR A 158 18.04 -3.84 -16.64
CA TYR A 158 16.78 -3.64 -15.95
C TYR A 158 16.35 -2.19 -15.99
N VAL A 159 15.05 -1.96 -15.89
CA VAL A 159 14.54 -0.59 -15.80
C VAL A 159 14.47 -0.20 -14.33
N GLN A 160 15.18 0.86 -13.95
CA GLN A 160 15.27 1.28 -12.55
CA GLN A 160 15.26 1.24 -12.54
C GLN A 160 13.90 1.45 -11.90
N GLY A 161 13.70 0.83 -10.75
CA GLY A 161 12.47 0.98 -10.00
C GLY A 161 11.22 0.37 -10.64
N SER A 162 11.40 -0.41 -11.70
CA SER A 162 10.25 -0.96 -12.43
C SER A 162 9.50 -1.99 -11.62
N HIS A 163 10.12 -2.50 -10.56
CA HIS A 163 9.45 -3.50 -9.72
C HIS A 163 8.38 -2.85 -8.84
N LYS A 164 8.42 -1.52 -8.73
CA LYS A 164 7.41 -0.83 -7.93
C LYS A 164 6.66 0.22 -8.78
N ALA A 165 6.76 0.07 -10.10
CA ALA A 165 6.13 1.01 -11.03
C ALA A 165 4.61 1.03 -10.87
N ASN A 166 4.03 2.22 -10.87
CA ASN A 166 2.58 2.36 -10.84
C ASN A 166 1.95 2.61 -12.21
N PHE A 167 2.79 2.91 -13.21
CA PHE A 167 2.32 3.14 -14.57
C PHE A 167 2.85 2.07 -15.49
N PRO A 168 2.12 1.75 -16.57
CA PRO A 168 2.63 0.81 -17.56
C PRO A 168 3.59 1.51 -18.52
N LEU A 169 4.54 0.74 -19.06
CA LEU A 169 5.56 1.31 -19.93
C LEU A 169 5.45 0.81 -21.36
N LEU A 170 5.20 -0.48 -21.54
CA LEU A 170 5.36 -1.05 -22.87
C LEU A 170 4.21 -0.75 -23.83
N ARG A 171 2.99 -0.64 -23.32
CA ARG A 171 1.82 -0.51 -24.20
C ARG A 171 1.87 0.81 -24.97
N GLU A 172 2.21 1.91 -24.29
CA GLU A 172 2.23 3.22 -24.93
C GLU A 172 3.32 3.26 -26.01
N ARG A 173 4.47 2.65 -25.72
CA ARG A 173 5.56 2.58 -26.68
C ARG A 173 5.10 1.88 -27.95
N ALA A 174 4.37 0.80 -27.77
CA ALA A 174 3.84 0.04 -28.89
C ALA A 174 2.85 0.90 -29.69
N GLU A 175 1.96 1.59 -28.98
CA GLU A 175 0.99 2.46 -29.64
C GLU A 175 1.66 3.59 -30.41
N ARG A 176 2.80 4.05 -29.92
CA ARG A 176 3.51 5.12 -30.60
C ARG A 176 4.43 4.53 -31.68
N GLY A 177 4.25 3.24 -31.94
CA GLY A 177 4.95 2.56 -33.03
C GLY A 177 6.45 2.41 -32.81
N GLU A 178 6.84 2.25 -31.55
CA GLU A 178 8.25 2.13 -31.20
C GLU A 178 8.67 0.67 -31.11
N ASN A 179 8.68 -0.03 -32.23
CA ASN A 179 8.94 -1.48 -32.23
C ASN A 179 10.42 -1.87 -32.19
N THR A 180 11.24 -1.02 -31.59
CA THR A 180 12.64 -1.35 -31.32
C THR A 180 12.84 -1.56 -29.82
N SER A 181 13.30 -2.75 -29.43
CA SER A 181 13.50 -3.06 -28.01
C SER A 181 14.40 -2.06 -27.31
N LEU A 182 14.02 -1.72 -26.09
CA LEU A 182 14.80 -0.80 -25.27
C LEU A 182 16.20 -1.36 -24.97
N VAL A 183 16.39 -2.67 -25.06
CA VAL A 183 17.73 -3.22 -24.77
C VAL A 183 18.65 -2.91 -25.94
N ASP A 184 18.07 -2.61 -27.09
CA ASP A 184 18.86 -2.20 -28.27
C ASP A 184 18.98 -0.69 -28.38
N SER A 185 17.90 0.03 -28.14
CA SER A 185 17.88 1.48 -28.33
C SER A 185 18.36 2.23 -27.10
N GLY A 186 18.22 1.60 -25.94
CA GLY A 186 18.50 2.25 -24.69
C GLY A 186 17.27 2.96 -24.14
N PHE A 187 17.35 3.36 -22.88
CA PHE A 187 16.27 4.05 -22.19
C PHE A 187 16.93 4.78 -21.03
N PRO A 188 16.44 5.98 -20.67
CA PRO A 188 17.15 6.81 -19.69
C PRO A 188 17.41 6.11 -18.36
N THR A 189 16.51 5.20 -17.98
CA THR A 189 16.64 4.48 -16.71
C THR A 189 16.95 3.00 -16.89
N LEU A 190 17.34 2.61 -18.09
CA LEU A 190 17.81 1.24 -18.32
C LEU A 190 19.28 1.11 -17.92
N SER A 191 19.57 0.20 -17.01
CA SER A 191 20.91 0.02 -16.46
C SER A 191 21.39 -1.40 -16.67
N ASP A 192 22.71 -1.57 -16.68
CA ASP A 192 23.33 -2.86 -16.88
C ASP A 192 23.95 -3.39 -15.61
N VAL A 193 24.02 -4.72 -15.52
CA VAL A 193 24.60 -5.41 -14.37
C VAL A 193 25.65 -6.39 -14.85
N PHE A 194 26.85 -6.30 -14.30
CA PHE A 194 27.92 -7.18 -14.72
C PHE A 194 28.19 -8.22 -13.64
N VAL A 195 28.50 -9.45 -14.06
CA VAL A 195 28.67 -10.54 -13.10
C VAL A 195 29.87 -11.40 -13.44
N ARG A 196 30.33 -12.15 -12.45
CA ARG A 196 31.39 -13.14 -12.64
C ARG A 196 30.81 -14.53 -12.48
N SER A 197 31.47 -15.51 -13.10
CA SER A 197 31.10 -16.91 -12.96
C SER A 197 31.09 -17.27 -11.48
N GLY A 198 29.98 -17.84 -11.00
CA GLY A 198 29.85 -18.20 -9.60
C GLY A 198 29.05 -17.20 -8.77
N ASP A 199 28.75 -16.05 -9.35
CA ASP A 199 27.87 -15.07 -8.72
C ASP A 199 26.42 -15.53 -8.79
N VAL A 200 25.62 -15.07 -7.84
CA VAL A 200 24.18 -15.30 -7.84
C VAL A 200 23.48 -13.94 -7.99
N LEU A 201 22.54 -13.84 -8.94
CA LEU A 201 21.65 -12.68 -8.98
C LEU A 201 20.28 -13.14 -8.45
N LEU A 202 19.92 -12.59 -7.30
CA LEU A 202 18.62 -12.82 -6.66
C LEU A 202 17.67 -11.78 -7.23
N LEU A 203 16.54 -12.21 -7.79
CA LEU A 203 15.71 -11.34 -8.62
C LEU A 203 14.24 -11.37 -8.23
N ASN A 204 13.68 -10.20 -7.92
CA ASN A 204 12.23 -10.01 -7.81
C ASN A 204 11.63 -10.01 -9.20
N GLU A 205 10.78 -10.97 -9.53
CA GLU A 205 10.30 -11.07 -10.90
C GLU A 205 9.36 -9.91 -11.28
N ALA A 206 9.04 -9.07 -10.31
CA ALA A 206 8.31 -7.84 -10.60
C ALA A 206 9.18 -6.83 -11.39
N LEU A 207 10.50 -6.97 -11.29
CA LEU A 207 11.41 -6.06 -11.98
C LEU A 207 11.32 -6.23 -13.47
N MET A 208 11.29 -5.13 -14.24
CA MET A 208 11.31 -5.24 -15.68
C MET A 208 12.75 -5.35 -16.11
N HIS A 209 13.09 -6.46 -16.76
CA HIS A 209 14.48 -6.79 -17.00
C HIS A 209 14.64 -7.61 -18.28
N GLY A 210 15.89 -7.78 -18.70
CA GLY A 210 16.19 -8.58 -19.86
C GLY A 210 17.70 -8.60 -19.99
N THR A 211 18.20 -8.79 -21.21
CA THR A 211 19.64 -8.62 -21.41
C THR A 211 19.93 -7.90 -22.72
N ARG A 212 21.11 -7.32 -22.78
CA ARG A 212 21.59 -6.73 -24.01
C ARG A 212 21.85 -7.80 -25.05
N ARG A 213 21.99 -7.37 -26.28
CA ARG A 213 22.34 -8.27 -27.37
C ARG A 213 23.79 -8.70 -27.22
N LYS A 214 24.04 -10.01 -27.32
CA LYS A 214 25.40 -10.53 -27.17
C LYS A 214 26.13 -10.50 -28.51
N LEU A 215 27.34 -9.94 -28.49
CA LEU A 215 28.16 -9.80 -29.70
C LEU A 215 29.42 -10.65 -29.64
N THR A 216 29.79 -11.04 -28.43
CA THR A 216 31.09 -11.66 -28.21
C THR A 216 31.11 -13.18 -28.40
N GLU A 217 32.30 -13.69 -28.66
CA GLU A 217 32.53 -15.13 -28.77
C GLU A 217 32.47 -15.81 -27.40
N GLY A 218 32.29 -17.12 -27.40
CA GLY A 218 32.22 -17.87 -26.16
C GLY A 218 30.79 -17.95 -25.67
N ASP A 219 30.42 -19.11 -25.13
CA ASP A 219 29.05 -19.32 -24.66
C ASP A 219 28.70 -18.50 -23.43
N ARG A 220 27.51 -17.92 -23.43
CA ARG A 220 26.98 -17.26 -22.24
C ARG A 220 26.10 -18.28 -21.55
N LEU A 221 26.33 -18.50 -20.26
CA LEU A 221 25.74 -19.66 -19.60
C LEU A 221 25.25 -19.36 -18.18
N LEU A 222 24.05 -19.82 -17.85
CA LEU A 222 23.57 -19.67 -16.49
C LEU A 222 22.46 -20.67 -16.22
N THR A 223 22.16 -20.85 -14.93
CA THR A 223 21.04 -21.66 -14.51
C THR A 223 20.15 -20.83 -13.60
N ALA A 224 18.84 -20.96 -13.78
CA ALA A 224 17.88 -20.14 -13.04
C ALA A 224 16.95 -21.01 -12.25
N PHE A 225 16.71 -20.63 -10.99
CA PHE A 225 15.79 -21.38 -10.15
C PHE A 225 14.74 -20.44 -9.60
N GLY A 226 13.47 -20.83 -9.74
CA GLY A 226 12.36 -19.94 -9.42
C GLY A 226 11.65 -20.50 -8.21
N TYR A 227 11.37 -19.61 -7.26
CA TYR A 227 10.76 -20.00 -5.99
C TYR A 227 9.56 -19.15 -5.69
N GLY A 228 8.59 -19.72 -5.00
CA GLY A 228 7.49 -18.95 -4.46
C GLY A 228 6.79 -19.73 -3.39
N PRO A 229 5.59 -19.28 -3.00
CA PRO A 229 4.86 -19.94 -1.92
C PRO A 229 4.35 -21.31 -2.29
N THR A 230 4.09 -22.13 -1.28
CA THR A 230 3.62 -23.49 -1.53
C THR A 230 2.31 -23.57 -2.29
N PHE A 231 1.53 -22.49 -2.31
CA PHE A 231 0.25 -22.51 -3.02
C PHE A 231 0.37 -22.00 -4.45
N PHE A 232 1.58 -21.64 -4.88
CA PHE A 232 1.82 -21.36 -6.30
C PHE A 232 2.00 -22.67 -7.05
N THR A 233 1.47 -22.73 -8.28
CA THR A 233 1.73 -23.89 -9.13
C THR A 233 3.13 -23.82 -9.77
N GLU A 234 3.67 -24.98 -10.16
CA GLU A 234 4.96 -24.97 -10.84
C GLU A 234 4.81 -24.17 -12.12
N TRP A 235 5.89 -23.53 -12.58
CA TRP A 235 5.73 -22.63 -13.73
C TRP A 235 5.33 -23.36 -15.01
N ARG A 236 4.33 -22.79 -15.66
CA ARG A 236 3.88 -23.24 -16.97
C ARG A 236 3.30 -22.04 -17.70
N GLU A 237 3.58 -21.92 -18.99
CA GLU A 237 3.03 -20.83 -19.77
C GLU A 237 1.56 -21.10 -20.07
N LEU A 238 0.71 -20.10 -19.87
CA LEU A 238 -0.71 -20.24 -20.15
C LEU A 238 -1.21 -19.00 -20.88
N ASP A 239 -1.87 -19.23 -22.00
CA ASP A 239 -2.32 -18.15 -22.89
C ASP A 239 -3.56 -17.44 -22.34
N ALA A 240 -4.45 -18.23 -21.75
CA ALA A 240 -5.71 -17.72 -21.20
C ALA A 240 -6.30 -18.73 -20.24
N GLU A 241 -7.22 -18.28 -19.40
CA GLU A 241 -7.98 -19.19 -18.54
C GLU A 241 -8.68 -20.19 -19.43
N THR A 242 -8.92 -21.38 -18.91
CA THR A 242 -9.49 -22.45 -19.72
C THR A 242 -11.00 -22.48 -19.62
N ALA A 243 -11.64 -23.26 -20.49
CA ALA A 243 -13.08 -23.29 -20.60
C ALA A 243 -13.74 -23.77 -19.32
N ASP A 244 -13.06 -24.65 -18.60
CA ASP A 244 -13.67 -25.23 -17.39
C ASP A 244 -13.04 -24.66 -16.13
N LEU A 245 -12.21 -23.62 -16.29
CA LEU A 245 -11.56 -22.97 -15.16
C LEU A 245 -10.71 -23.93 -14.33
N ARG A 246 -10.21 -24.99 -14.96
CA ARG A 246 -9.29 -25.91 -14.31
C ARG A 246 -7.85 -25.74 -14.77
N GLY A 247 -7.66 -24.90 -15.78
CA GLY A 247 -6.34 -24.72 -16.36
C GLY A 247 -5.42 -23.96 -15.43
N ALA A 248 -4.22 -24.51 -15.23
CA ALA A 248 -3.23 -23.88 -14.38
C ALA A 248 -2.10 -23.28 -15.21
N GLY A 249 -1.52 -22.21 -14.70
CA GLY A 249 -0.35 -21.63 -15.32
C GLY A 249 -0.30 -20.14 -15.14
N TYR A 250 0.67 -19.55 -15.81
CA TYR A 250 0.96 -18.15 -15.65
C TYR A 250 0.68 -17.41 -16.96
N VAL A 251 -0.18 -16.40 -16.87
CA VAL A 251 -0.51 -15.57 -18.02
C VAL A 251 0.18 -14.24 -17.89
N ASP A 252 1.22 -14.03 -18.70
CA ASP A 252 2.02 -12.82 -18.56
C ASP A 252 1.32 -11.59 -19.12
N HIS A 253 1.61 -10.46 -18.49
CA HIS A 253 1.19 -9.15 -18.99
C HIS A 253 2.15 -8.75 -20.10
N ASP A 254 1.99 -7.56 -20.66
CA ASP A 254 2.80 -7.15 -21.83
C ASP A 254 4.27 -7.40 -21.60
N VAL A 255 4.94 -8.00 -22.59
CA VAL A 255 6.40 -8.08 -22.62
C VAL A 255 6.86 -7.59 -23.99
N GLU A 256 8.12 -7.19 -24.11
CA GLU A 256 8.58 -6.66 -25.40
C GLU A 256 8.43 -7.66 -26.55
N GLU A 257 8.54 -8.95 -26.26
CA GLU A 257 8.33 -9.98 -27.27
C GLU A 257 6.97 -9.85 -27.97
N ASP A 258 5.98 -9.26 -27.30
CA ASP A 258 4.66 -9.07 -27.89
C ASP A 258 4.65 -7.97 -28.96
N PHE A 259 5.64 -7.09 -28.92
CA PHE A 259 5.58 -5.83 -29.67
C PHE A 259 6.78 -5.60 -30.59
N VAL A 260 7.92 -6.20 -30.29
CA VAL A 260 9.17 -5.83 -30.96
C VAL A 260 9.62 -6.85 -31.99
N LEU B 1 -21.87 -10.25 -26.13
CA LEU B 1 -22.27 -9.19 -27.07
C LEU B 1 -23.08 -8.09 -26.37
N HIS B 2 -23.59 -8.38 -25.18
CA HIS B 2 -24.48 -7.44 -24.48
C HIS B 2 -24.14 -7.44 -22.99
N MET B 3 -22.87 -7.17 -22.71
CA MET B 3 -22.33 -7.26 -21.36
C MET B 3 -22.77 -6.12 -20.47
N VAL B 4 -23.13 -6.46 -19.24
CA VAL B 4 -23.53 -5.48 -18.24
C VAL B 4 -22.70 -5.74 -16.98
N PRO B 5 -22.20 -4.68 -16.34
CA PRO B 5 -21.40 -4.83 -15.11
C PRO B 5 -22.04 -5.78 -14.10
N ALA B 6 -21.26 -6.74 -13.64
CA ALA B 6 -21.75 -7.73 -12.68
C ALA B 6 -21.99 -7.10 -11.31
N LEU B 7 -21.20 -6.09 -10.99
CA LEU B 7 -21.32 -5.38 -9.73
C LEU B 7 -21.47 -3.89 -9.97
N THR B 8 -22.38 -3.27 -9.22
CA THR B 8 -22.55 -1.81 -9.28
C THR B 8 -21.42 -1.11 -8.54
N ARG B 9 -21.37 0.21 -8.70
CA ARG B 9 -20.36 1.00 -7.98
C ARG B 9 -20.55 0.81 -6.48
N GLU B 10 -21.80 0.80 -6.04
CA GLU B 10 -22.08 0.66 -4.61
C GLU B 10 -21.68 -0.73 -4.11
N GLN B 11 -21.96 -1.75 -4.92
CA GLN B 11 -21.57 -3.10 -4.54
C GLN B 11 -20.06 -3.24 -4.40
N LEU B 12 -19.32 -2.66 -5.34
CA LEU B 12 -17.87 -2.68 -5.25
C LEU B 12 -17.40 -1.93 -4.03
N TYR B 13 -18.00 -0.77 -3.79
CA TYR B 13 -17.66 0.00 -2.59
C TYR B 13 -17.85 -0.88 -1.35
N ILE B 14 -19.01 -1.53 -1.22
CA ILE B 14 -19.26 -2.35 -0.05
C ILE B 14 -18.28 -3.52 0.03
N PHE B 15 -17.99 -4.19 -1.08
CA PHE B 15 -17.08 -5.34 -1.00
C PHE B 15 -15.69 -4.88 -0.57
N ASP B 16 -15.21 -3.79 -1.15
CA ASP B 16 -13.92 -3.22 -0.79
C ASP B 16 -13.86 -2.88 0.70
N THR B 17 -14.89 -2.20 1.19
CA THR B 17 -14.80 -1.64 2.53
C THR B 17 -15.06 -2.67 3.62
N THR B 18 -15.88 -3.70 3.34
CA THR B 18 -16.22 -4.67 4.37
C THR B 18 -15.61 -6.05 4.16
N GLY B 19 -15.18 -6.33 2.93
CA GLY B 19 -14.56 -7.62 2.64
C GLY B 19 -15.54 -8.69 2.23
N PHE B 20 -16.79 -8.31 2.10
CA PHE B 20 -17.79 -9.24 1.60
C PHE B 20 -18.96 -8.49 1.01
N LEU B 21 -19.83 -9.23 0.33
CA LEU B 21 -21.02 -8.65 -0.26
C LEU B 21 -22.12 -9.69 -0.30
N VAL B 22 -23.26 -9.39 0.31
CA VAL B 22 -24.43 -10.26 0.15
C VAL B 22 -25.19 -9.80 -1.09
N ILE B 23 -25.39 -10.75 -1.99
CA ILE B 23 -26.14 -10.53 -3.20
C ILE B 23 -27.45 -11.30 -3.06
N PRO B 24 -28.57 -10.58 -2.89
CA PRO B 24 -29.84 -11.24 -2.56
C PRO B 24 -30.52 -11.90 -3.76
N GLY B 25 -31.10 -13.06 -3.50
CA GLY B 25 -31.98 -13.72 -4.46
C GLY B 25 -31.37 -14.07 -5.81
N VAL B 26 -30.14 -14.54 -5.81
CA VAL B 26 -29.44 -14.85 -7.05
C VAL B 26 -30.09 -16.07 -7.67
N PHE B 27 -30.47 -17.02 -6.82
CA PHE B 27 -31.10 -18.26 -7.28
C PHE B 27 -32.52 -18.31 -6.76
N GLY B 28 -33.48 -18.56 -7.65
CA GLY B 28 -34.88 -18.66 -7.28
C GLY B 28 -35.18 -19.94 -6.54
N SER B 29 -36.37 -20.02 -5.96
CA SER B 29 -36.71 -21.14 -5.10
C SER B 29 -36.64 -22.49 -5.81
N GLY B 30 -36.93 -22.51 -7.11
CA GLY B 30 -36.88 -23.73 -7.88
C GLY B 30 -35.47 -24.27 -7.98
N GLU B 31 -34.53 -23.36 -8.25
CA GLU B 31 -33.13 -23.75 -8.34
C GLU B 31 -32.61 -24.16 -6.98
N VAL B 32 -32.95 -23.39 -5.96
CA VAL B 32 -32.61 -23.72 -4.59
C VAL B 32 -33.13 -25.13 -4.24
N GLU B 33 -34.36 -25.44 -4.61
CA GLU B 33 -34.89 -26.77 -4.32
C GLU B 33 -34.11 -27.84 -5.08
N SER B 34 -33.73 -27.54 -6.32
CA SER B 34 -32.90 -28.42 -7.11
C SER B 34 -31.54 -28.70 -6.45
N PHE B 35 -30.92 -27.66 -5.90
CA PHE B 35 -29.63 -27.82 -5.26
C PHE B 35 -29.74 -28.68 -4.01
N ARG B 36 -30.77 -28.43 -3.22
CA ARG B 36 -31.01 -29.20 -2.00
CA ARG B 36 -31.04 -29.20 -2.00
C ARG B 36 -31.24 -30.67 -2.30
N SER B 37 -32.04 -30.95 -3.33
CA SER B 37 -32.35 -32.34 -3.69
C SER B 37 -31.08 -33.03 -4.15
N GLU B 38 -30.22 -32.31 -4.87
CA GLU B 38 -28.97 -32.90 -5.31
C GLU B 38 -28.03 -33.24 -4.15
N LEU B 39 -27.96 -32.35 -3.15
CA LEU B 39 -27.14 -32.64 -1.96
C LEU B 39 -27.66 -33.87 -1.23
N GLU B 40 -28.98 -34.07 -1.25
CA GLU B 40 -29.59 -35.25 -0.63
C GLU B 40 -29.07 -36.54 -1.25
N ARG B 41 -28.69 -36.47 -2.52
CA ARG B 41 -28.20 -37.64 -3.24
C ARG B 41 -26.72 -37.90 -3.01
N LEU B 42 -26.05 -37.00 -2.32
CA LEU B 42 -24.62 -37.16 -2.16
C LEU B 42 -24.19 -37.57 -0.76
N ASP B 43 -23.02 -38.16 -0.67
CA ASP B 43 -22.46 -38.59 0.60
C ASP B 43 -21.57 -37.49 1.17
N THR B 44 -21.26 -37.59 2.46
CA THR B 44 -20.40 -36.61 3.11
C THR B 44 -19.22 -37.24 3.83
N VAL B 45 -18.30 -36.40 4.30
CA VAL B 45 -17.25 -36.80 5.20
C VAL B 45 -17.31 -36.04 6.52
N ASP B 46 -16.62 -36.57 7.52
CA ASP B 46 -16.53 -35.96 8.82
C ASP B 46 -15.37 -34.98 8.82
N PRO B 47 -15.67 -33.67 8.89
CA PRO B 47 -14.62 -32.66 8.78
C PRO B 47 -13.86 -32.40 10.08
N GLY B 48 -14.21 -33.11 11.16
CA GLY B 48 -13.51 -32.92 12.42
C GLY B 48 -14.19 -31.90 13.32
N PHE B 49 -15.33 -31.39 12.89
CA PHE B 49 -16.13 -30.47 13.70
C PHE B 49 -17.46 -31.13 14.02
N PRO B 50 -17.90 -31.05 15.29
CA PRO B 50 -19.13 -31.76 15.63
C PRO B 50 -20.37 -31.19 14.93
N ARG B 51 -21.31 -32.09 14.65
CA ARG B 51 -22.61 -31.73 14.08
C ARG B 51 -22.48 -31.02 12.74
N THR B 52 -21.42 -31.36 12.02
CA THR B 52 -21.12 -30.82 10.70
C THR B 52 -20.79 -31.96 9.74
N ARG B 53 -21.38 -31.92 8.56
CA ARG B 53 -21.03 -32.85 7.49
C ARG B 53 -20.55 -32.04 6.31
N ARG B 54 -19.49 -32.51 5.68
CA ARG B 54 -18.92 -31.81 4.55
C ARG B 54 -19.04 -32.63 3.26
N TYR B 55 -19.53 -31.99 2.21
CA TYR B 55 -19.52 -32.55 0.86
C TYR B 55 -18.20 -32.12 0.22
N PRO B 56 -17.22 -33.02 0.10
CA PRO B 56 -15.82 -32.61 -0.10
C PRO B 56 -15.46 -31.99 -1.45
N ASP B 57 -16.09 -32.44 -2.52
CA ASP B 57 -15.71 -31.96 -3.86
C ASP B 57 -16.94 -32.00 -4.76
N LEU B 58 -17.78 -30.97 -4.64
CA LEU B 58 -19.09 -30.97 -5.32
C LEU B 58 -19.01 -30.99 -6.85
N PRO B 59 -18.07 -30.24 -7.46
CA PRO B 59 -18.01 -30.32 -8.92
C PRO B 59 -17.63 -31.71 -9.45
N ALA B 60 -16.86 -32.46 -8.69
CA ALA B 60 -16.49 -33.82 -9.11
C ALA B 60 -17.62 -34.82 -8.89
N ALA B 61 -18.50 -34.51 -7.94
CA ALA B 61 -19.51 -35.49 -7.53
C ALA B 61 -20.85 -35.30 -8.23
N SER B 62 -21.04 -34.17 -8.89
CA SER B 62 -22.35 -33.77 -9.39
C SER B 62 -22.25 -32.87 -10.60
N PRO B 63 -22.96 -33.21 -11.69
CA PRO B 63 -23.04 -32.31 -12.85
C PRO B 63 -23.80 -31.03 -12.51
N VAL B 64 -24.71 -31.13 -11.54
CA VAL B 64 -25.46 -29.97 -11.09
C VAL B 64 -24.53 -28.94 -10.48
N PHE B 65 -23.64 -29.39 -9.60
CA PHE B 65 -22.76 -28.46 -8.92
C PHE B 65 -21.52 -28.11 -9.75
N ALA B 66 -21.12 -29.01 -10.65
CA ALA B 66 -20.10 -28.66 -11.63
C ALA B 66 -20.59 -27.49 -12.50
N ARG B 67 -21.89 -27.47 -12.80
CA ARG B 67 -22.47 -26.40 -13.59
C ARG B 67 -22.57 -25.11 -12.76
N LEU B 68 -22.98 -25.25 -11.51
CA LEU B 68 -23.13 -24.12 -10.59
C LEU B 68 -21.80 -23.37 -10.44
N ALA B 69 -20.73 -24.15 -10.27
CA ALA B 69 -19.39 -23.58 -10.07
C ALA B 69 -19.03 -22.63 -11.20
N LEU B 70 -19.61 -22.85 -12.38
CA LEU B 70 -19.25 -22.05 -13.55
C LEU B 70 -20.38 -21.12 -13.99
N ASP B 71 -21.45 -21.08 -13.20
CA ASP B 71 -22.58 -20.24 -13.49
C ASP B 71 -22.13 -18.79 -13.57
N ASP B 72 -22.57 -18.06 -14.60
CA ASP B 72 -22.16 -16.66 -14.75
C ASP B 72 -22.61 -15.80 -13.59
N ARG B 73 -23.66 -16.23 -12.89
CA ARG B 73 -24.14 -15.47 -11.73
C ARG B 73 -23.15 -15.51 -10.59
N LEU B 74 -22.27 -16.51 -10.58
CA LEU B 74 -21.17 -16.56 -9.60
C LEU B 74 -19.90 -15.98 -10.19
N LEU B 75 -19.57 -16.40 -11.41
CA LEU B 75 -18.31 -15.98 -12.03
C LEU B 75 -18.24 -14.47 -12.29
N ALA B 76 -19.34 -13.87 -12.72
CA ALA B 76 -19.27 -12.46 -13.08
C ALA B 76 -18.91 -11.57 -11.87
N PRO B 77 -19.57 -11.76 -10.71
CA PRO B 77 -19.07 -10.96 -9.59
C PRO B 77 -17.68 -11.37 -9.09
N VAL B 78 -17.35 -12.65 -9.19
CA VAL B 78 -16.02 -13.09 -8.78
C VAL B 78 -14.95 -12.40 -9.63
N ARG B 79 -15.17 -12.33 -10.94
CA ARG B 79 -14.21 -11.64 -11.83
C ARG B 79 -14.00 -10.18 -11.42
N ASP B 80 -15.04 -9.56 -10.88
CA ASP B 80 -14.97 -8.15 -10.56
C ASP B 80 -14.17 -7.86 -9.31
N VAL B 81 -13.93 -8.88 -8.49
CA VAL B 81 -13.11 -8.69 -7.31
C VAL B 81 -11.75 -9.42 -7.39
N VAL B 82 -11.60 -10.37 -8.31
CA VAL B 82 -10.30 -10.99 -8.53
C VAL B 82 -9.52 -10.31 -9.66
N ASN B 83 -10.18 -10.12 -10.81
CA ASN B 83 -9.57 -9.42 -11.93
C ASN B 83 -8.23 -10.02 -12.40
N GLN B 84 -8.21 -11.35 -12.50
CA GLN B 84 -7.11 -12.14 -13.03
C GLN B 84 -7.74 -13.24 -13.87
N PRO B 85 -6.96 -13.83 -14.78
CA PRO B 85 -7.39 -15.12 -15.34
C PRO B 85 -7.72 -16.07 -14.21
N LEU B 86 -8.84 -16.77 -14.33
CA LEU B 86 -9.46 -17.44 -13.20
C LEU B 86 -9.26 -18.95 -13.17
N ARG B 87 -9.22 -19.48 -11.94
CA ARG B 87 -9.22 -20.92 -11.72
C ARG B 87 -10.16 -21.26 -10.58
N LEU B 88 -10.89 -22.36 -10.71
CA LEU B 88 -11.68 -22.88 -9.62
C LEU B 88 -10.76 -23.64 -8.67
N LEU B 89 -10.75 -23.26 -7.40
CA LEU B 89 -9.80 -23.82 -6.45
C LEU B 89 -10.40 -24.85 -5.54
N GLU B 90 -11.70 -24.76 -5.33
CA GLU B 90 -12.41 -25.74 -4.53
C GLU B 90 -13.90 -25.54 -4.67
N GLY B 91 -14.67 -26.57 -4.34
CA GLY B 91 -16.11 -26.44 -4.32
C GLY B 91 -16.62 -27.49 -3.36
N TYR B 92 -17.20 -27.05 -2.26
CA TYR B 92 -17.63 -28.00 -1.24
C TYR B 92 -18.95 -27.61 -0.66
N GLY B 93 -19.55 -28.53 0.10
CA GLY B 93 -20.79 -28.22 0.78
C GLY B 93 -20.67 -28.46 2.27
N LEU B 94 -21.50 -27.75 3.03
CA LEU B 94 -21.55 -27.90 4.48
C LEU B 94 -23.01 -28.04 4.95
N ARG B 95 -23.27 -29.10 5.71
CA ARG B 95 -24.60 -29.31 6.31
C ARG B 95 -24.41 -29.40 7.81
N ARG B 96 -25.05 -28.49 8.53
CA ARG B 96 -24.87 -28.37 9.97
C ARG B 96 -26.17 -28.54 10.71
N THR B 97 -26.07 -29.15 11.88
CA THR B 97 -27.22 -29.25 12.77
C THR B 97 -26.90 -28.58 14.10
N LYS B 98 -27.89 -28.63 14.99
CA LYS B 98 -27.80 -28.04 16.32
C LYS B 98 -26.50 -28.34 17.06
N ASP B 99 -25.93 -27.29 17.66
CA ASP B 99 -24.71 -27.29 18.49
C ASP B 99 -23.41 -27.24 17.69
N SER B 100 -23.52 -27.12 16.37
CA SER B 100 -22.36 -26.92 15.51
C SER B 100 -21.92 -25.46 15.49
N VAL B 101 -20.64 -25.23 15.21
CA VAL B 101 -20.08 -23.89 15.27
C VAL B 101 -18.88 -23.85 14.32
N LEU B 102 -18.49 -22.65 13.91
CA LEU B 102 -17.29 -22.52 13.07
C LEU B 102 -16.50 -21.36 13.61
N TYR B 103 -15.38 -21.67 14.22
CA TYR B 103 -14.54 -20.67 14.88
C TYR B 103 -13.90 -19.73 13.87
N LEU B 104 -13.46 -18.57 14.34
CA LEU B 104 -12.88 -17.56 13.46
C LEU B 104 -11.62 -18.02 12.75
N HIS B 105 -11.50 -17.59 11.50
CA HIS B 105 -10.38 -17.93 10.64
C HIS B 105 -10.25 -16.83 9.61
N GLY B 106 -9.10 -16.78 8.94
CA GLY B 106 -8.84 -15.67 8.03
C GLY B 106 -8.20 -14.53 8.80
N GLY B 107 -8.23 -13.31 8.24
CA GLY B 107 -7.57 -12.19 8.89
C GLY B 107 -6.27 -11.81 8.19
N ASN B 108 -6.10 -10.53 7.93
CA ASN B 108 -5.03 -10.04 7.07
C ASN B 108 -3.63 -10.12 7.68
N SER B 109 -3.54 -10.01 9.00
CA SER B 109 -2.24 -9.88 9.65
C SER B 109 -1.99 -10.89 10.75
N GLU B 110 -2.67 -12.03 10.69
CA GLU B 110 -2.45 -13.07 11.67
C GLU B 110 -1.07 -13.69 11.47
N LEU B 111 -0.52 -14.28 12.53
CA LEU B 111 0.86 -14.74 12.52
C LEU B 111 0.99 -16.20 12.14
N LEU B 112 2.17 -16.54 11.64
CA LEU B 112 2.59 -17.90 11.38
C LEU B 112 4.05 -18.06 11.77
N ASP B 113 4.33 -19.06 12.60
CA ASP B 113 5.70 -19.35 12.97
C ASP B 113 6.29 -20.33 11.97
N LEU B 114 7.39 -19.94 11.35
CA LEU B 114 8.11 -20.81 10.44
C LEU B 114 9.37 -21.35 11.14
N ASP B 116 12.36 -20.60 11.66
CA ASP B 116 13.37 -19.69 12.17
C ASP B 116 12.89 -18.25 12.20
N ARG B 117 11.60 -18.04 12.00
CA ARG B 117 11.04 -16.70 11.91
C ARG B 117 9.54 -16.73 12.05
N GLN B 118 8.97 -15.56 12.27
CA GLN B 118 7.52 -15.43 12.35
C GLN B 118 7.06 -14.45 11.28
N VAL B 119 6.02 -14.80 10.54
CA VAL B 119 5.57 -13.94 9.46
C VAL B 119 4.13 -13.52 9.67
N GLY B 120 3.74 -12.40 9.08
CA GLY B 120 2.48 -11.77 9.38
C GLY B 120 1.72 -11.38 8.13
N ARG B 121 2.14 -11.93 6.99
CA ARG B 121 1.38 -11.84 5.76
C ARG B 121 1.19 -13.22 5.18
N ASP B 122 -0.01 -13.52 4.68
CA ASP B 122 -0.26 -14.76 3.93
C ASP B 122 -0.53 -14.34 2.50
N LEU B 123 0.38 -14.63 1.57
CA LEU B 123 0.24 -14.05 0.24
C LEU B 123 -0.91 -14.68 -0.55
N SER B 124 -1.51 -15.76 -0.05
CA SER B 124 -2.66 -16.32 -0.73
C SER B 124 -3.93 -15.49 -0.56
N ILE B 125 -3.93 -14.59 0.42
CA ILE B 125 -5.11 -13.76 0.66
C ILE B 125 -4.72 -12.27 0.71
N THR B 126 -3.47 -11.97 0.37
CA THR B 126 -3.03 -10.58 0.34
C THR B 126 -3.55 -9.92 -0.93
N HIS B 127 -4.32 -8.87 -0.75
CA HIS B 127 -5.06 -8.27 -1.84
C HIS B 127 -4.72 -6.81 -2.00
N THR B 128 -5.08 -6.27 -3.15
CA THR B 128 -4.71 -4.90 -3.44
C THR B 128 -5.75 -4.24 -4.34
N TYR B 129 -5.47 -3.00 -4.73
CA TYR B 129 -6.36 -2.20 -5.55
C TYR B 129 -5.47 -1.40 -6.49
N HIS B 130 -5.89 -1.23 -7.74
CA HIS B 130 -5.08 -0.49 -8.71
C HIS B 130 -5.95 -0.01 -9.86
N ASP B 131 -5.90 1.30 -10.12
CA ASP B 131 -6.60 1.90 -11.26
C ASP B 131 -8.06 1.45 -11.42
N GLY B 132 -8.83 1.51 -10.34
CA GLY B 132 -10.27 1.27 -10.41
C GLY B 132 -10.71 -0.17 -10.29
N LYS B 133 -9.75 -1.05 -10.01
CA LYS B 133 -10.03 -2.48 -9.91
C LYS B 133 -9.47 -3.10 -8.64
N LEU B 134 -10.28 -3.95 -8.00
CA LEU B 134 -9.84 -4.78 -6.88
C LEU B 134 -9.10 -6.00 -7.40
N TYR B 135 -8.07 -6.40 -6.67
CA TYR B 135 -7.32 -7.61 -7.00
C TYR B 135 -7.22 -8.45 -5.75
N CYS B 136 -8.18 -9.34 -5.57
CA CYS B 136 -8.20 -10.23 -4.42
C CYS B 136 -7.88 -11.64 -4.92
N PRO B 137 -6.79 -12.24 -4.42
CA PRO B 137 -6.38 -13.53 -5.00
C PRO B 137 -7.23 -14.73 -4.56
N TYR B 138 -7.98 -14.62 -3.48
CA TYR B 138 -8.72 -15.79 -3.04
C TYR B 138 -10.09 -15.33 -2.58
N VAL B 139 -11.12 -15.67 -3.35
CA VAL B 139 -12.46 -15.27 -2.96
CA VAL B 139 -12.48 -15.25 -3.09
C VAL B 139 -13.38 -16.47 -3.05
N LYS B 140 -14.40 -16.43 -2.22
CA LYS B 140 -15.39 -17.49 -2.20
C LYS B 140 -16.74 -16.96 -2.55
N ALA B 141 -17.52 -17.78 -3.24
CA ALA B 141 -18.93 -17.48 -3.43
C ALA B 141 -19.68 -18.47 -2.60
N LEU B 142 -20.35 -17.99 -1.56
CA LEU B 142 -21.17 -18.86 -0.71
C LEU B 142 -22.60 -18.79 -1.18
N VAL B 143 -23.13 -19.94 -1.60
CA VAL B 143 -24.52 -20.04 -2.01
C VAL B 143 -25.33 -20.67 -0.88
N TYR B 144 -26.15 -19.87 -0.22
CA TYR B 144 -26.92 -20.39 0.91
C TYR B 144 -28.19 -21.07 0.47
N LEU B 145 -28.43 -22.25 1.03
CA LEU B 145 -29.56 -23.08 0.64
C LEU B 145 -30.55 -23.17 1.78
N SER B 146 -30.41 -22.28 2.75
CA SER B 146 -31.32 -22.21 3.88
C SER B 146 -31.31 -20.78 4.45
N ASP B 147 -32.37 -20.42 5.16
CA ASP B 147 -32.54 -19.11 5.75
C ASP B 147 -31.78 -19.03 7.06
N ILE B 148 -30.99 -17.98 7.23
CA ILE B 148 -30.25 -17.79 8.47
C ILE B 148 -30.57 -16.38 8.94
N GLN B 149 -31.51 -16.26 9.87
CA GLN B 149 -32.10 -14.96 10.16
C GLN B 149 -31.90 -14.46 11.59
N SER B 150 -31.18 -15.23 12.39
CA SER B 150 -30.84 -14.83 13.73
C SER B 150 -29.49 -15.43 14.09
N PRO B 151 -28.83 -14.86 15.09
CA PRO B 151 -27.56 -15.45 15.50
C PRO B 151 -27.66 -16.94 15.83
N GLU B 152 -28.79 -17.34 16.43
CA GLU B 152 -29.03 -18.71 16.86
C GLU B 152 -29.17 -19.70 15.72
N ASP B 153 -29.36 -19.19 14.50
CA ASP B 153 -29.38 -20.02 13.30
C ASP B 153 -27.94 -20.35 12.87
N GLY B 154 -26.98 -19.84 13.63
CA GLY B 154 -25.58 -20.03 13.30
C GLY B 154 -25.17 -19.03 12.24
N SER B 155 -25.45 -17.75 12.48
CA SER B 155 -25.19 -16.72 11.47
C SER B 155 -23.70 -16.55 11.20
N PHE B 156 -23.38 -16.32 9.94
CA PHE B 156 -22.07 -15.84 9.51
C PHE B 156 -21.70 -14.65 10.40
N CYS B 157 -20.48 -14.61 10.89
CA CYS B 157 -20.04 -13.43 11.64
C CYS B 157 -18.62 -13.08 11.20
N TYR B 158 -18.30 -11.80 11.29
CA TYR B 158 -17.00 -11.31 10.85
C TYR B 158 -16.49 -10.24 11.79
N VAL B 159 -15.17 -10.10 11.83
CA VAL B 159 -14.54 -9.02 12.58
C VAL B 159 -14.39 -7.85 11.63
N GLN B 160 -15.00 -6.73 12.00
CA GLN B 160 -15.08 -5.57 11.14
CA GLN B 160 -15.09 -5.59 11.10
C GLN B 160 -13.71 -5.10 10.67
N GLY B 161 -13.54 -4.98 9.37
CA GLY B 161 -12.30 -4.44 8.82
C GLY B 161 -11.09 -5.35 8.93
N SER B 162 -11.32 -6.61 9.30
CA SER B 162 -10.20 -7.50 9.57
C SER B 162 -9.48 -7.91 8.28
N HIS B 163 -10.11 -7.67 7.13
CA HIS B 163 -9.50 -8.01 5.87
C HIS B 163 -8.39 -7.03 5.49
N LYS B 164 -8.35 -5.88 6.17
CA LYS B 164 -7.26 -4.92 5.93
C LYS B 164 -6.49 -4.63 7.23
N ALA B 165 -6.61 -5.54 8.20
CA ALA B 165 -5.93 -5.38 9.49
C ALA B 165 -4.41 -5.37 9.34
N ASN B 166 -3.78 -4.48 10.10
CA ASN B 166 -2.34 -4.40 10.12
C ASN B 166 -1.74 -5.04 11.35
N PHE B 167 -2.59 -5.32 12.33
CA PHE B 167 -2.16 -5.98 13.58
C PHE B 167 -2.78 -7.37 13.69
N PRO B 168 -2.06 -8.31 14.31
CA PRO B 168 -2.62 -9.64 14.61
C PRO B 168 -3.53 -9.61 15.82
N LEU B 169 -4.58 -10.41 15.78
CA LEU B 169 -5.58 -10.43 16.85
C LEU B 169 -5.48 -11.67 17.71
N LEU B 170 -5.26 -12.82 17.10
CA LEU B 170 -5.50 -14.07 17.81
C LEU B 170 -4.33 -14.51 18.67
N ARG B 171 -3.10 -14.19 18.27
CA ARG B 171 -1.94 -14.66 19.00
C ARG B 171 -1.92 -14.07 20.40
N GLU B 172 -2.32 -12.80 20.52
CA GLU B 172 -2.30 -12.12 21.82
C GLU B 172 -3.40 -12.63 22.75
N ARG B 173 -4.56 -12.96 22.18
CA ARG B 173 -5.65 -13.49 23.01
CA ARG B 173 -5.67 -13.52 22.97
C ARG B 173 -5.28 -14.84 23.58
N ALA B 174 -4.51 -15.62 22.82
CA ALA B 174 -4.03 -16.90 23.28
C ALA B 174 -3.00 -16.71 24.40
N GLU B 175 -2.11 -15.74 24.22
CA GLU B 175 -1.10 -15.41 25.23
C GLU B 175 -1.73 -14.96 26.54
N ARG B 176 -2.84 -14.22 26.43
CA ARG B 176 -3.58 -13.77 27.60
C ARG B 176 -4.48 -14.89 28.12
N GLY B 177 -4.32 -16.09 27.58
CA GLY B 177 -5.05 -17.26 28.04
C GLY B 177 -6.54 -17.26 27.78
N GLU B 178 -6.98 -16.40 26.86
CA GLU B 178 -8.40 -16.34 26.52
C GLU B 178 -8.77 -17.46 25.55
N ASN B 179 -9.11 -18.63 26.10
CA ASN B 179 -9.27 -19.86 25.32
C ASN B 179 -10.71 -20.20 24.93
N THR B 180 -11.55 -19.19 24.74
CA THR B 180 -12.89 -19.41 24.22
C THR B 180 -13.04 -18.61 22.95
N SER B 181 -13.78 -19.14 21.98
CA SER B 181 -13.94 -18.44 20.70
C SER B 181 -14.73 -17.15 20.83
N LEU B 182 -14.33 -16.15 20.04
CA LEU B 182 -15.03 -14.89 20.02
C LEU B 182 -16.45 -15.04 19.50
N VAL B 183 -16.72 -16.13 18.79
CA VAL B 183 -18.07 -16.32 18.26
C VAL B 183 -19.00 -16.73 19.38
N ASP B 184 -18.44 -17.30 20.45
CA ASP B 184 -19.24 -17.65 21.63
C ASP B 184 -19.21 -16.50 22.64
N SER B 185 -18.02 -15.91 22.83
CA SER B 185 -17.84 -14.89 23.86
C SER B 185 -18.31 -13.51 23.41
N GLY B 186 -18.29 -13.29 22.10
CA GLY B 186 -18.52 -11.96 21.58
C GLY B 186 -17.22 -11.14 21.51
N PHE B 187 -17.27 -10.09 20.71
CA PHE B 187 -16.16 -9.15 20.55
C PHE B 187 -16.77 -7.83 20.08
N PRO B 188 -16.19 -6.69 20.52
CA PRO B 188 -16.77 -5.38 20.21
C PRO B 188 -17.06 -5.14 18.73
N THR B 189 -16.20 -5.66 17.84
CA THR B 189 -16.38 -5.42 16.42
C THR B 189 -16.76 -6.69 15.65
N LEU B 190 -17.25 -7.69 16.37
CA LEU B 190 -17.75 -8.90 15.75
C LEU B 190 -19.22 -8.69 15.38
N SER B 191 -19.54 -8.83 14.09
CA SER B 191 -20.89 -8.55 13.60
C SER B 191 -21.46 -9.74 12.85
N ASP B 192 -22.78 -9.82 12.84
CA ASP B 192 -23.51 -10.91 12.19
C ASP B 192 -24.12 -10.53 10.85
N VAL B 193 -24.25 -11.53 9.98
CA VAL B 193 -24.83 -11.34 8.66
C VAL B 193 -25.95 -12.34 8.46
N PHE B 194 -27.12 -11.85 8.10
CA PHE B 194 -28.25 -12.75 7.91
C PHE B 194 -28.52 -12.91 6.42
N VAL B 195 -28.97 -14.11 6.03
CA VAL B 195 -29.21 -14.39 4.62
C VAL B 195 -30.45 -15.23 4.44
N ARG B 196 -30.96 -15.21 3.21
CA ARG B 196 -32.09 -16.06 2.81
C ARG B 196 -31.58 -17.10 1.83
N SER B 197 -32.23 -18.26 1.77
CA SER B 197 -31.86 -19.27 0.79
C SER B 197 -31.88 -18.65 -0.60
N GLY B 198 -30.85 -18.95 -1.38
CA GLY B 198 -30.76 -18.38 -2.71
C GLY B 198 -29.87 -17.17 -2.78
N ASP B 199 -29.52 -16.62 -1.61
CA ASP B 199 -28.57 -15.51 -1.55
C ASP B 199 -27.17 -16.00 -1.81
N VAL B 200 -26.34 -15.12 -2.35
CA VAL B 200 -24.92 -15.40 -2.46
C VAL B 200 -24.15 -14.43 -1.58
N LEU B 201 -23.20 -14.96 -0.83
CA LEU B 201 -22.28 -14.11 -0.08
C LEU B 201 -20.91 -14.25 -0.75
N LEU B 202 -20.47 -13.14 -1.35
CA LEU B 202 -19.19 -13.05 -2.04
C LEU B 202 -18.18 -12.60 -0.99
N LEU B 203 -17.10 -13.36 -0.81
CA LEU B 203 -16.26 -13.21 0.38
C LEU B 203 -14.77 -13.09 0.04
N ASN B 204 -14.13 -12.02 0.49
CA ASN B 204 -12.68 -11.92 0.44
C ASN B 204 -12.12 -12.78 1.57
N GLU B 205 -11.34 -13.80 1.24
CA GLU B 205 -10.88 -14.70 2.29
C GLU B 205 -9.85 -14.06 3.23
N ALA B 206 -9.43 -12.83 2.93
CA ALA B 206 -8.63 -12.08 3.92
C ALA B 206 -9.43 -11.68 5.17
N LEU B 207 -10.76 -11.64 5.05
CA LEU B 207 -11.62 -11.27 6.17
C LEU B 207 -11.57 -12.33 7.27
N MET B 208 -11.49 -11.90 8.51
CA MET B 208 -11.58 -12.84 9.63
C MET B 208 -13.05 -13.06 9.93
N HIS B 209 -13.48 -14.31 9.77
CA HIS B 209 -14.88 -14.66 9.77
C HIS B 209 -15.10 -16.05 10.33
N GLY B 210 -16.37 -16.36 10.59
CA GLY B 210 -16.74 -17.68 11.07
C GLY B 210 -18.24 -17.69 11.16
N THR B 211 -18.79 -18.50 12.06
CA THR B 211 -20.22 -18.43 12.33
C THR B 211 -20.52 -18.59 13.81
N ARG B 212 -21.66 -18.08 14.22
CA ARG B 212 -22.13 -18.33 15.58
C ARG B 212 -22.46 -19.82 15.71
N ARG B 213 -22.57 -20.26 16.96
CA ARG B 213 -23.03 -21.60 17.27
C ARG B 213 -24.51 -21.72 16.93
N LYS B 214 -24.91 -22.83 16.30
CA LYS B 214 -26.30 -22.99 15.90
C LYS B 214 -27.09 -23.67 17.00
N LEU B 215 -28.22 -23.08 17.36
CA LEU B 215 -29.06 -23.61 18.45
C LEU B 215 -30.39 -24.09 17.93
N THR B 216 -30.74 -23.63 16.73
CA THR B 216 -32.06 -23.91 16.19
C THR B 216 -32.14 -25.28 15.52
N GLU B 217 -33.36 -25.79 15.38
CA GLU B 217 -33.61 -27.00 14.63
C GLU B 217 -33.47 -26.74 13.14
N GLY B 218 -33.51 -27.80 12.34
CA GLY B 218 -33.45 -27.66 10.89
C GLY B 218 -32.00 -27.67 10.44
N ASP B 219 -31.77 -28.12 9.22
CA ASP B 219 -30.42 -28.18 8.67
C ASP B 219 -29.98 -26.83 8.12
N ARG B 220 -28.80 -26.38 8.54
CA ARG B 220 -28.15 -25.22 7.95
C ARG B 220 -27.30 -25.69 6.76
N LEU B 221 -27.58 -25.13 5.59
CA LEU B 221 -27.03 -25.70 4.35
C LEU B 221 -26.44 -24.64 3.43
N LEU B 222 -25.22 -24.85 2.96
CA LEU B 222 -24.65 -23.98 1.94
C LEU B 222 -23.66 -24.71 1.03
N THR B 223 -23.40 -24.12 -0.12
CA THR B 223 -22.33 -24.64 -0.96
C THR B 223 -21.37 -23.51 -1.21
N ALA B 224 -20.08 -23.81 -1.19
CA ALA B 224 -19.05 -22.77 -1.28
C ALA B 224 -18.09 -23.06 -2.40
N PHE B 225 -17.79 -22.04 -3.19
CA PHE B 225 -16.89 -22.21 -4.32
C PHE B 225 -15.78 -21.20 -4.20
N GLY B 226 -14.54 -21.68 -4.26
CA GLY B 226 -13.39 -20.80 -4.09
C GLY B 226 -12.70 -20.58 -5.43
N TYR B 227 -12.29 -19.34 -5.68
CA TYR B 227 -11.67 -18.97 -6.95
C TYR B 227 -10.42 -18.16 -6.69
N GLY B 228 -9.42 -18.34 -7.56
CA GLY B 228 -8.22 -17.56 -7.52
C GLY B 228 -7.60 -17.49 -8.90
N PRO B 229 -6.42 -16.90 -8.99
CA PRO B 229 -5.74 -16.83 -10.28
C PRO B 229 -5.33 -18.20 -10.78
N THR B 230 -5.07 -18.31 -12.07
CA THR B 230 -4.65 -19.56 -12.66
C THR B 230 -3.36 -20.16 -12.13
N PHE B 231 -2.52 -19.36 -11.47
CA PHE B 231 -1.27 -19.89 -10.97
C PHE B 231 -1.38 -20.34 -9.51
N PHE B 232 -2.57 -20.23 -8.93
CA PHE B 232 -2.83 -20.81 -7.61
C PHE B 232 -3.12 -22.28 -7.77
N THR B 233 -2.61 -23.08 -6.84
CA THR B 233 -2.97 -24.50 -6.80
C THR B 233 -4.37 -24.73 -6.23
N GLU B 234 -4.99 -25.85 -6.61
CA GLU B 234 -6.28 -26.16 -6.03
C GLU B 234 -6.08 -26.34 -4.54
N TRP B 235 -7.11 -26.06 -3.77
CA TRP B 235 -6.95 -25.98 -2.34
C TRP B 235 -6.67 -27.34 -1.73
N ARG B 236 -5.65 -27.36 -0.90
CA ARG B 236 -5.29 -28.53 -0.13
C ARG B 236 -4.63 -28.00 1.15
N GLU B 237 -4.91 -28.64 2.28
CA GLU B 237 -4.26 -28.26 3.52
C GLU B 237 -2.82 -28.74 3.52
N LEU B 238 -1.89 -27.87 3.89
CA LEU B 238 -0.48 -28.27 3.98
C LEU B 238 0.07 -27.90 5.35
N ASP B 239 0.70 -28.86 6.02
CA ASP B 239 1.15 -28.65 7.39
C ASP B 239 2.38 -27.75 7.46
N ALA B 240 3.24 -27.88 6.46
CA ALA B 240 4.51 -27.14 6.39
C ALA B 240 5.12 -27.37 5.03
N GLU B 241 5.99 -26.46 4.60
CA GLU B 241 6.78 -26.71 3.40
C GLU B 241 7.53 -28.04 3.59
N THR B 242 7.72 -28.77 2.52
CA THR B 242 8.34 -30.09 2.62
C THR B 242 9.83 -29.99 2.44
N ALA B 243 10.53 -31.08 2.78
CA ALA B 243 11.98 -31.11 2.75
C ALA B 243 12.51 -30.85 1.35
N ASP B 244 11.79 -31.33 0.35
CA ASP B 244 12.27 -31.23 -1.01
C ASP B 244 11.73 -30.00 -1.74
N LEU B 245 11.00 -29.16 -1.01
CA LEU B 245 10.34 -27.98 -1.60
C LEU B 245 9.40 -28.33 -2.78
N ARG B 246 8.82 -29.52 -2.76
CA ARG B 246 7.84 -29.88 -3.78
C ARG B 246 6.43 -29.96 -3.20
N GLY B 247 6.31 -29.78 -1.89
CA GLY B 247 5.00 -29.79 -1.26
C GLY B 247 4.15 -28.62 -1.75
N ALA B 248 2.93 -28.93 -2.16
CA ALA B 248 1.97 -27.91 -2.60
C ALA B 248 0.81 -27.82 -1.64
N GLY B 249 0.28 -26.61 -1.49
CA GLY B 249 -0.89 -26.41 -0.66
C GLY B 249 -0.82 -25.13 0.15
N TYR B 250 -1.76 -25.01 1.08
CA TYR B 250 -1.97 -23.77 1.84
C TYR B 250 -1.68 -23.97 3.31
N VAL B 251 -0.72 -23.23 3.82
CA VAL B 251 -0.37 -23.23 5.23
C VAL B 251 -1.02 -22.02 5.91
N ASP B 252 -2.08 -22.26 6.68
CA ASP B 252 -2.84 -21.18 7.28
C ASP B 252 -2.09 -20.54 8.41
N HIS B 253 -2.30 -19.25 8.57
CA HIS B 253 -1.83 -18.55 9.75
C HIS B 253 -2.77 -18.84 10.92
N ASP B 254 -2.52 -18.24 12.08
CA ASP B 254 -3.35 -18.49 13.28
C ASP B 254 -4.84 -18.47 12.99
N VAL B 255 -5.55 -19.52 13.42
CA VAL B 255 -7.00 -19.53 13.42
C VAL B 255 -7.43 -19.94 14.82
N GLU B 256 -8.67 -19.69 15.19
CA GLU B 256 -9.11 -19.96 16.57
C GLU B 256 -8.99 -21.44 16.93
N GLU B 257 -9.21 -22.30 15.94
CA GLU B 257 -9.09 -23.74 16.11
C GLU B 257 -7.72 -24.16 16.69
N ASP B 258 -6.70 -23.33 16.47
CA ASP B 258 -5.37 -23.61 17.01
C ASP B 258 -5.26 -23.50 18.53
N PHE B 259 -6.24 -22.88 19.19
CA PHE B 259 -6.18 -22.79 20.65
C PHE B 259 -7.50 -22.59 21.38
N VAL B 260 -8.62 -22.77 20.68
CA VAL B 260 -9.91 -22.74 21.37
C VAL B 260 -10.43 -24.15 21.56
N VAL C 4 -3.39 20.05 -22.47
CA VAL C 4 -2.16 19.26 -22.63
C VAL C 4 -1.51 18.99 -21.28
N PRO C 5 -1.31 17.71 -20.93
CA PRO C 5 -0.61 17.36 -19.69
C PRO C 5 0.80 17.97 -19.64
N ALA C 6 1.22 18.40 -18.45
CA ALA C 6 2.56 18.97 -18.27
C ALA C 6 3.62 17.91 -18.49
N LEU C 7 3.43 16.76 -17.85
CA LEU C 7 4.34 15.64 -18.00
C LEU C 7 3.72 14.57 -18.88
N THR C 8 4.53 13.99 -19.74
CA THR C 8 4.08 12.90 -20.60
C THR C 8 3.93 11.60 -19.83
N ARG C 9 3.53 10.55 -20.53
CA ARG C 9 3.44 9.21 -19.94
C ARG C 9 4.80 8.75 -19.45
N GLU C 10 5.80 8.87 -20.31
CA GLU C 10 7.15 8.46 -19.99
C GLU C 10 7.71 9.27 -18.83
N GLN C 11 7.43 10.56 -18.83
CA GLN C 11 7.93 11.41 -17.76
C GLN C 11 7.37 11.00 -16.38
N LEU C 12 6.08 10.72 -16.33
CA LEU C 12 5.43 10.31 -15.09
C LEU C 12 5.96 8.95 -14.64
N TYR C 13 6.17 8.07 -15.61
CA TYR C 13 6.76 6.76 -15.32
C TYR C 13 8.14 6.97 -14.71
N ILE C 14 8.94 7.84 -15.31
CA ILE C 14 10.27 8.08 -14.78
C ILE C 14 10.23 8.72 -13.39
N PHE C 15 9.38 9.72 -13.17
CA PHE C 15 9.29 10.33 -11.85
C PHE C 15 8.84 9.32 -10.81
N ASP C 16 7.89 8.47 -11.19
CA ASP C 16 7.36 7.46 -10.27
C ASP C 16 8.44 6.47 -9.86
N THR C 17 9.13 5.92 -10.86
CA THR C 17 10.10 4.86 -10.62
C THR C 17 11.42 5.34 -10.02
N THR C 18 11.84 6.57 -10.32
CA THR C 18 13.10 7.07 -9.79
C THR C 18 13.04 8.13 -8.69
N GLY C 19 11.91 8.82 -8.56
CA GLY C 19 11.75 9.80 -7.50
C GLY C 19 12.10 11.20 -7.95
N PHE C 20 12.46 11.32 -9.23
CA PHE C 20 12.84 12.64 -9.73
C PHE C 20 12.75 12.67 -11.24
N LEU C 21 12.89 13.87 -11.78
CA LEU C 21 12.81 14.05 -13.21
C LEU C 21 13.60 15.30 -13.56
N VAL C 22 14.57 15.14 -14.44
CA VAL C 22 15.26 16.30 -15.00
C VAL C 22 14.50 16.73 -16.23
N ILE C 23 14.14 18.01 -16.27
CA ILE C 23 13.52 18.57 -17.46
C ILE C 23 14.50 19.58 -18.05
N PRO C 24 15.00 19.29 -19.26
CA PRO C 24 16.08 20.08 -19.85
C PRO C 24 15.60 21.34 -20.55
N GLY C 25 16.38 22.40 -20.45
CA GLY C 25 16.10 23.64 -21.15
C GLY C 25 14.74 24.22 -20.83
N VAL C 26 14.50 24.50 -19.55
CA VAL C 26 13.25 25.12 -19.15
C VAL C 26 13.39 26.63 -19.12
N PHE C 27 14.57 27.10 -18.73
CA PHE C 27 14.83 28.54 -18.70
C PHE C 27 16.02 28.92 -19.58
N GLY C 28 15.79 29.86 -20.48
CA GLY C 28 16.78 30.24 -21.48
C GLY C 28 17.93 31.05 -20.94
N SER C 29 18.94 31.24 -21.79
CA SER C 29 20.16 31.98 -21.46
C SER C 29 19.88 33.28 -20.71
N GLY C 30 19.05 34.13 -21.32
CA GLY C 30 18.74 35.43 -20.76
C GLY C 30 18.10 35.34 -19.39
N GLU C 31 17.13 34.44 -19.26
CA GLU C 31 16.45 34.20 -18.00
C GLU C 31 17.46 33.83 -16.93
N VAL C 32 18.31 32.84 -17.24
CA VAL C 32 19.35 32.40 -16.32
C VAL C 32 20.26 33.56 -15.89
N GLU C 33 20.77 34.30 -16.87
CA GLU C 33 21.61 35.46 -16.59
C GLU C 33 20.90 36.42 -15.66
N SER C 34 19.61 36.63 -15.90
CA SER C 34 18.80 37.45 -15.01
C SER C 34 18.80 36.90 -13.60
N PHE C 35 18.54 35.60 -13.46
CA PHE C 35 18.47 34.97 -12.15
C PHE C 35 19.79 35.09 -11.40
N ARG C 36 20.89 34.87 -12.12
CA ARG C 36 22.23 35.04 -11.54
C ARG C 36 22.45 36.48 -11.06
N SER C 37 22.08 37.43 -11.91
CA SER C 37 22.26 38.85 -11.62
C SER C 37 21.52 39.23 -10.35
N GLU C 38 20.31 38.72 -10.21
CA GLU C 38 19.50 39.02 -9.04
C GLU C 38 20.13 38.41 -7.78
N LEU C 39 20.65 37.19 -7.91
CA LEU C 39 21.28 36.52 -6.79
C LEU C 39 22.48 37.31 -6.23
N GLU C 40 23.32 37.82 -7.11
CA GLU C 40 24.49 38.59 -6.69
C GLU C 40 24.12 39.83 -5.87
N ARG C 41 22.94 40.39 -6.15
CA ARG C 41 22.38 41.50 -5.38
C ARG C 41 22.13 41.16 -3.91
N LEU C 42 21.54 39.97 -3.70
CA LEU C 42 20.87 39.69 -2.44
C LEU C 42 21.81 39.22 -1.34
N ASP C 43 21.39 39.45 -0.09
CA ASP C 43 22.16 38.99 1.06
C ASP C 43 22.12 37.47 1.16
N THR C 44 23.06 36.91 1.92
CA THR C 44 23.11 35.49 2.17
C THR C 44 23.36 35.26 3.64
N VAL C 45 23.06 34.06 4.10
CA VAL C 45 23.37 33.70 5.48
C VAL C 45 24.36 32.55 5.52
N ASP C 46 24.88 32.27 6.70
CA ASP C 46 25.78 31.15 6.92
C ASP C 46 24.94 29.93 7.23
N PRO C 47 24.73 29.06 6.21
CA PRO C 47 23.81 27.93 6.34
C PRO C 47 24.42 26.78 7.13
N GLY C 48 25.67 26.93 7.54
CA GLY C 48 26.35 25.92 8.33
C GLY C 48 27.26 25.04 7.50
N PHE C 49 27.14 25.13 6.18
CA PHE C 49 27.97 24.32 5.31
C PHE C 49 29.05 25.15 4.62
N PRO C 50 30.32 24.74 4.82
CA PRO C 50 31.49 25.42 4.28
C PRO C 50 31.42 25.59 2.76
N ARG C 51 31.90 26.74 2.29
CA ARG C 51 31.90 27.11 0.87
C ARG C 51 30.48 27.16 0.29
N THR C 52 29.51 27.47 1.14
CA THR C 52 28.12 27.61 0.71
C THR C 52 27.45 28.84 1.30
N ARG C 53 26.75 29.60 0.46
CA ARG C 53 25.95 30.72 0.93
C ARG C 53 24.47 30.46 0.61
N ARG C 54 23.61 30.66 1.61
CA ARG C 54 22.19 30.42 1.43
C ARG C 54 21.40 31.73 1.36
N TYR C 55 20.67 31.89 0.25
CA TYR C 55 19.63 32.91 0.12
C TYR C 55 18.32 32.40 0.71
N PRO C 56 18.01 32.80 1.96
CA PRO C 56 16.94 32.18 2.77
C PRO C 56 15.55 32.21 2.15
N ASP C 57 15.05 33.39 1.84
CA ASP C 57 13.67 33.53 1.38
C ASP C 57 13.62 34.34 0.09
N LEU C 58 13.94 33.68 -1.01
CA LEU C 58 14.02 34.34 -2.31
C LEU C 58 12.74 35.08 -2.72
N PRO C 59 11.56 34.44 -2.56
CA PRO C 59 10.37 35.19 -2.98
C PRO C 59 10.14 36.48 -2.18
N ALA C 60 10.61 36.49 -0.93
CA ALA C 60 10.46 37.67 -0.08
C ALA C 60 11.47 38.76 -0.43
N ALA C 61 12.71 38.33 -0.70
CA ALA C 61 13.81 39.27 -0.91
C ALA C 61 13.90 39.78 -2.35
N SER C 62 13.13 39.19 -3.27
CA SER C 62 13.22 39.60 -4.66
C SER C 62 11.93 39.35 -5.43
N PRO C 63 11.48 40.35 -6.20
CA PRO C 63 10.27 40.19 -7.00
C PRO C 63 10.49 39.21 -8.14
N VAL C 64 11.75 39.11 -8.55
CA VAL C 64 12.13 38.19 -9.61
C VAL C 64 11.87 36.74 -9.22
N PHE C 65 12.26 36.39 -8.01
CA PHE C 65 12.09 35.02 -7.51
C PHE C 65 10.73 34.83 -6.85
N ALA C 66 10.08 35.93 -6.48
CA ALA C 66 8.68 35.86 -6.08
C ALA C 66 7.87 35.43 -7.29
N ARG C 67 8.34 35.85 -8.47
CA ARG C 67 7.67 35.56 -9.72
C ARG C 67 8.06 34.19 -10.24
N LEU C 68 9.31 33.80 -10.04
CA LEU C 68 9.76 32.48 -10.50
C LEU C 68 9.00 31.38 -9.76
N ALA C 69 8.81 31.58 -8.45
CA ALA C 69 8.12 30.57 -7.62
C ALA C 69 6.70 30.26 -8.10
N LEU C 70 6.12 31.16 -8.88
CA LEU C 70 4.77 30.97 -9.36
C LEU C 70 4.78 30.74 -10.86
N ASP C 71 5.97 30.61 -11.43
CA ASP C 71 6.08 30.40 -12.87
C ASP C 71 5.38 29.10 -13.26
N ASP C 72 4.62 29.15 -14.35
CA ASP C 72 3.85 28.01 -14.81
C ASP C 72 4.73 26.84 -15.22
N ARG C 73 5.98 27.15 -15.61
CA ARG C 73 6.91 26.11 -16.02
C ARG C 73 7.36 25.28 -14.82
N LEU C 74 7.21 25.83 -13.62
CA LEU C 74 7.47 25.08 -12.39
C LEU C 74 6.18 24.48 -11.86
N LEU C 75 5.10 25.27 -11.85
CA LEU C 75 3.84 24.83 -11.25
C LEU C 75 3.17 23.69 -12.00
N ALA C 76 3.27 23.69 -13.33
CA ALA C 76 2.58 22.66 -14.11
C ALA C 76 3.10 21.23 -13.84
N PRO C 77 4.42 21.01 -13.88
CA PRO C 77 4.86 19.66 -13.52
C PRO C 77 4.65 19.33 -12.04
N VAL C 78 4.79 20.33 -11.17
CA VAL C 78 4.61 20.13 -9.74
C VAL C 78 3.18 19.66 -9.46
N ARG C 79 2.21 20.26 -10.13
CA ARG C 79 0.81 19.82 -10.03
C ARG C 79 0.66 18.35 -10.36
N ASP C 80 1.30 17.92 -11.44
CA ASP C 80 1.18 16.55 -11.95
C ASP C 80 1.75 15.49 -11.00
N VAL C 81 2.49 15.90 -9.98
CA VAL C 81 3.01 14.91 -9.03
C VAL C 81 2.53 15.13 -7.59
N VAL C 82 1.97 16.30 -7.31
CA VAL C 82 1.33 16.57 -6.02
C VAL C 82 -0.17 16.28 -6.06
N ASN C 83 -0.82 16.75 -7.13
CA ASN C 83 -2.25 16.55 -7.36
C ASN C 83 -3.11 16.90 -6.14
N GLN C 84 -2.82 18.06 -5.56
CA GLN C 84 -3.55 18.60 -4.42
C GLN C 84 -3.65 20.09 -4.62
N PRO C 85 -4.62 20.73 -3.95
CA PRO C 85 -4.53 22.20 -3.87
C PRO C 85 -3.15 22.63 -3.35
N LEU C 86 -2.48 23.53 -4.07
CA LEU C 86 -1.06 23.81 -3.85
C LEU C 86 -0.72 25.01 -2.94
N ARG C 87 0.40 24.89 -2.24
CA ARG C 87 0.97 26.01 -1.49
C ARG C 87 2.46 26.09 -1.77
N LEU C 88 3.00 27.31 -1.77
CA LEU C 88 4.46 27.48 -1.80
C LEU C 88 4.99 27.38 -0.39
N LEU C 89 5.87 26.42 -0.14
CA LEU C 89 6.32 26.14 1.22
C LEU C 89 7.64 26.82 1.54
N GLU C 90 8.44 27.03 0.51
CA GLU C 90 9.76 27.64 0.67
C GLU C 90 10.35 28.01 -0.67
N GLY C 91 11.34 28.89 -0.64
CA GLY C 91 12.06 29.28 -1.83
C GLY C 91 13.40 29.84 -1.42
N TYR C 92 14.48 29.14 -1.79
CA TYR C 92 15.81 29.52 -1.35
C TYR C 92 16.85 29.31 -2.43
N GLY C 93 18.00 29.95 -2.26
CA GLY C 93 19.09 29.81 -3.20
C GLY C 93 20.34 29.27 -2.53
N LEU C 94 21.16 28.57 -3.31
CA LEU C 94 22.42 28.06 -2.81
C LEU C 94 23.55 28.42 -3.77
N ARG C 95 24.57 29.08 -3.24
CA ARG C 95 25.74 29.36 -4.04
C ARG C 95 26.93 28.61 -3.44
N ARG C 96 27.62 27.84 -4.26
CA ARG C 96 28.68 26.96 -3.79
C ARG C 96 29.99 27.12 -4.55
N THR C 97 31.08 27.04 -3.80
CA THR C 97 32.43 27.12 -4.35
C THR C 97 33.09 25.75 -4.13
N LYS C 98 34.28 25.57 -4.70
CA LYS C 98 35.08 24.37 -4.50
C LYS C 98 35.22 24.05 -3.01
N ASP C 99 35.21 22.75 -2.70
CA ASP C 99 35.39 22.17 -1.36
C ASP C 99 34.05 22.05 -0.61
N SER C 100 32.96 22.44 -1.25
CA SER C 100 31.64 22.32 -0.63
C SER C 100 31.01 20.97 -0.96
N VAL C 101 30.08 20.57 -0.11
CA VAL C 101 29.42 19.28 -0.22
C VAL C 101 28.06 19.31 0.48
N LEU C 102 27.11 18.52 -0.03
CA LEU C 102 25.81 18.37 0.62
C LEU C 102 25.54 16.90 0.88
N TYR C 103 25.61 16.48 2.13
CA TYR C 103 25.52 15.06 2.47
C TYR C 103 24.11 14.55 2.21
N LEU C 104 23.92 13.24 2.35
CA LEU C 104 22.63 12.65 1.99
C LEU C 104 21.55 13.01 3.00
N HIS C 105 20.35 13.25 2.47
CA HIS C 105 19.18 13.57 3.27
C HIS C 105 17.95 13.07 2.53
N GLY C 106 16.82 13.00 3.23
CA GLY C 106 15.65 12.35 2.68
C GLY C 106 15.75 10.85 2.89
N GLY C 107 14.87 10.10 2.25
CA GLY C 107 14.79 8.66 2.48
C GLY C 107 13.44 8.31 3.07
N ASN C 108 12.75 7.37 2.43
CA ASN C 108 11.37 7.05 2.78
C ASN C 108 11.18 6.44 4.17
N SER C 109 12.21 5.78 4.69
CA SER C 109 12.06 4.98 5.89
C SER C 109 13.16 5.23 6.92
N GLU C 110 13.80 6.39 6.84
CA GLU C 110 14.80 6.73 7.85
C GLU C 110 14.13 6.93 9.21
N LEU C 111 14.91 6.76 10.26
CA LEU C 111 14.39 6.74 11.62
C LEU C 111 14.44 8.10 12.30
N LEU C 112 13.58 8.25 13.31
CA LEU C 112 13.55 9.43 14.17
C LEU C 112 13.15 9.01 15.59
N ASP C 113 13.95 9.41 16.56
CA ASP C 113 13.64 9.15 17.95
C ASP C 113 12.77 10.29 18.47
N LEU C 114 11.59 9.96 18.98
CA LEU C 114 10.63 10.96 19.44
C LEU C 114 10.76 11.29 20.92
N GLY C 115 11.24 10.33 21.72
CA GLY C 115 11.40 10.56 23.14
C GLY C 115 10.93 9.38 23.97
N ASP C 116 9.88 8.72 23.50
CA ASP C 116 9.37 7.52 24.16
C ASP C 116 9.21 6.39 23.15
N ARG C 117 9.56 6.69 21.90
CA ARG C 117 9.38 5.75 20.81
C ARG C 117 10.22 6.13 19.60
N GLN C 118 10.40 5.17 18.70
CA GLN C 118 11.12 5.39 17.46
C GLN C 118 10.17 5.22 16.29
N VAL C 119 10.16 6.21 15.39
CA VAL C 119 9.27 6.18 14.23
C VAL C 119 10.07 6.10 12.93
N GLY C 120 9.47 5.52 11.90
CA GLY C 120 10.14 5.28 10.63
C GLY C 120 9.36 5.75 9.40
N ARG C 121 8.38 6.61 9.62
CA ARG C 121 7.69 7.30 8.54
C ARG C 121 7.69 8.80 8.84
N ASP C 122 7.93 9.60 7.80
CA ASP C 122 7.78 11.05 7.91
C ASP C 122 6.64 11.44 6.99
N LEU C 123 5.49 11.82 7.57
CA LEU C 123 4.29 12.02 6.77
C LEU C 123 4.39 13.22 5.85
N SER C 124 5.41 14.07 6.06
CA SER C 124 5.59 15.21 5.20
C SER C 124 6.11 14.81 3.83
N ILE C 125 6.66 13.60 3.76
CA ILE C 125 7.23 13.10 2.52
C ILE C 125 6.65 11.75 2.15
N THR C 126 5.59 11.34 2.85
CA THR C 126 4.98 10.04 2.57
C THR C 126 3.99 10.20 1.42
N HIS C 127 4.25 9.47 0.33
CA HIS C 127 3.57 9.67 -0.93
C HIS C 127 2.86 8.41 -1.35
N THR C 128 1.95 8.56 -2.30
CA THR C 128 1.15 7.43 -2.72
C THR C 128 0.71 7.62 -4.17
N TYR C 129 -0.11 6.68 -4.63
CA TYR C 129 -0.60 6.61 -6.00
C TYR C 129 -2.04 6.09 -5.97
N HIS C 130 -2.91 6.71 -6.75
CA HIS C 130 -4.32 6.30 -6.78
C HIS C 130 -4.98 6.69 -8.10
N ASP C 131 -5.55 5.70 -8.78
CA ASP C 131 -6.32 5.88 -10.01
C ASP C 131 -5.64 6.80 -11.03
N GLY C 132 -4.40 6.48 -11.39
CA GLY C 132 -3.72 7.17 -12.48
C GLY C 132 -2.99 8.45 -12.09
N LYS C 133 -2.96 8.74 -10.80
CA LYS C 133 -2.33 9.97 -10.29
C LYS C 133 -1.36 9.74 -9.13
N LEU C 134 -0.21 10.40 -9.24
CA LEU C 134 0.73 10.47 -8.15
C LEU C 134 0.27 11.48 -7.14
N TYR C 135 0.50 11.18 -5.87
CA TYR C 135 0.21 12.09 -4.79
C TYR C 135 1.43 12.21 -3.90
N CYS C 136 2.33 13.14 -4.23
CA CYS C 136 3.48 13.41 -3.38
C CYS C 136 3.30 14.73 -2.62
N PRO C 137 3.38 14.71 -1.30
CA PRO C 137 3.07 15.90 -0.51
C PRO C 137 4.16 16.97 -0.52
N TYR C 138 5.42 16.59 -0.75
CA TYR C 138 6.50 17.58 -0.67
C TYR C 138 7.43 17.37 -1.85
N VAL C 139 7.38 18.29 -2.81
CA VAL C 139 8.22 18.20 -3.99
C VAL C 139 8.96 19.51 -4.15
N LYS C 140 10.17 19.42 -4.70
CA LYS C 140 10.95 20.61 -5.02
C LYS C 140 11.14 20.74 -6.51
N ALA C 141 11.16 21.99 -6.97
CA ALA C 141 11.59 22.26 -8.33
C ALA C 141 12.95 22.94 -8.20
N LEU C 142 14.00 22.19 -8.53
CA LEU C 142 15.36 22.72 -8.45
C LEU C 142 15.73 23.38 -9.76
N VAL C 143 16.00 24.69 -9.72
CA VAL C 143 16.34 25.41 -10.93
C VAL C 143 17.83 25.73 -10.96
N TYR C 144 18.56 25.07 -11.85
CA TYR C 144 20.02 25.20 -11.88
C TYR C 144 20.46 26.39 -12.70
N LEU C 145 21.41 27.13 -12.15
CA LEU C 145 21.90 28.34 -12.80
C LEU C 145 23.37 28.21 -13.21
N SER C 146 23.85 26.97 -13.27
CA SER C 146 25.20 26.68 -13.78
C SER C 146 25.27 25.25 -14.28
N ASP C 147 26.20 24.97 -15.19
CA ASP C 147 26.34 23.63 -15.74
C ASP C 147 26.99 22.69 -14.74
N ILE C 148 26.45 21.48 -14.62
CA ILE C 148 27.02 20.45 -13.76
C ILE C 148 27.15 19.16 -14.57
N GLN C 149 28.35 18.86 -15.06
CA GLN C 149 28.53 17.80 -16.04
C GLN C 149 29.52 16.73 -15.61
N SER C 150 30.05 16.84 -14.40
CA SER C 150 30.93 15.80 -13.85
C SER C 150 30.77 15.71 -12.33
N PRO C 151 31.17 14.58 -11.74
CA PRO C 151 31.10 14.48 -10.27
C PRO C 151 31.89 15.56 -9.55
N GLU C 152 33.02 16.00 -10.11
CA GLU C 152 33.82 17.01 -9.45
C GLU C 152 33.15 18.40 -9.52
N ASP C 153 32.13 18.53 -10.37
CA ASP C 153 31.30 19.73 -10.40
C ASP C 153 30.35 19.77 -9.20
N GLY C 154 30.29 18.65 -8.47
CA GLY C 154 29.44 18.57 -7.30
C GLY C 154 28.05 18.11 -7.73
N SER C 155 28.01 17.08 -8.54
CA SER C 155 26.77 16.65 -9.17
C SER C 155 25.75 16.18 -8.13
N PHE C 156 24.49 16.39 -8.46
CA PHE C 156 23.40 15.80 -7.70
C PHE C 156 23.58 14.30 -7.75
N CYS C 157 23.37 13.66 -6.60
CA CYS C 157 23.39 12.21 -6.57
C CYS C 157 22.27 11.71 -5.67
N TYR C 158 21.87 10.46 -5.88
CA TYR C 158 20.72 9.90 -5.21
C TYR C 158 20.93 8.41 -4.97
N VAL C 159 20.26 7.87 -3.96
CA VAL C 159 20.28 6.44 -3.68
C VAL C 159 19.12 5.84 -4.44
N GLN C 160 19.41 4.96 -5.40
CA GLN C 160 18.38 4.40 -6.27
CA GLN C 160 18.36 4.42 -6.26
C GLN C 160 17.22 3.79 -5.48
N GLY C 161 15.99 4.19 -5.81
CA GLY C 161 14.80 3.61 -5.20
C GLY C 161 14.54 4.04 -3.77
N SER C 162 15.34 4.97 -3.26
CA SER C 162 15.29 5.29 -1.85
C SER C 162 13.99 5.99 -1.47
N HIS C 163 13.26 6.49 -2.47
CA HIS C 163 11.99 7.18 -2.20
C HIS C 163 10.90 6.19 -1.88
N LYS C 164 11.13 4.91 -2.19
CA LYS C 164 10.13 3.87 -1.85
C LYS C 164 10.74 2.81 -0.93
N ALA C 165 11.85 3.15 -0.29
CA ALA C 165 12.53 2.25 0.64
C ALA C 165 11.64 1.88 1.82
N ASN C 166 11.72 0.61 2.22
CA ASN C 166 11.01 0.12 3.40
C ASN C 166 11.92 -0.05 4.61
N PHE C 167 13.24 0.02 4.39
CA PHE C 167 14.23 -0.18 5.45
C PHE C 167 15.02 1.11 5.64
N PRO C 168 15.47 1.39 6.88
CA PRO C 168 16.35 2.54 7.11
C PRO C 168 17.80 2.22 6.76
N LEU C 169 18.52 3.20 6.22
CA LEU C 169 19.89 2.97 5.77
C LEU C 169 20.93 3.59 6.71
N LEU C 170 20.66 4.80 7.19
CA LEU C 170 21.71 5.60 7.84
C LEU C 170 22.02 5.23 9.29
N ARG C 171 21.01 4.84 10.05
CA ARG C 171 21.19 4.56 11.48
C ARG C 171 22.18 3.40 11.66
N GLU C 172 22.02 2.37 10.84
CA GLU C 172 22.92 1.22 10.86
C GLU C 172 24.36 1.64 10.59
N ARG C 173 24.56 2.50 9.59
CA ARG C 173 25.89 2.96 9.23
C ARG C 173 26.54 3.67 10.41
N ALA C 174 25.76 4.49 11.09
CA ALA C 174 26.26 5.24 12.23
C ALA C 174 26.59 4.32 13.41
N GLU C 175 25.76 3.30 13.61
CA GLU C 175 25.97 2.35 14.70
C GLU C 175 27.29 1.58 14.55
N ARG C 176 27.67 1.29 13.31
CA ARG C 176 28.96 0.67 13.04
C ARG C 176 30.08 1.69 13.17
N GLY C 177 29.72 2.97 13.07
CA GLY C 177 30.69 4.04 13.16
C GLY C 177 31.28 4.42 11.82
N GLU C 178 30.45 4.41 10.77
CA GLU C 178 30.89 4.88 9.47
C GLU C 178 30.74 6.39 9.37
N ASN C 179 31.79 7.09 9.77
CA ASN C 179 31.80 8.56 9.84
C ASN C 179 31.86 9.23 8.47
N THR C 180 32.13 8.45 7.43
CA THR C 180 32.29 8.99 6.09
C THR C 180 30.97 9.02 5.34
N SER C 181 30.71 10.12 4.63
CA SER C 181 29.52 10.24 3.81
C SER C 181 29.59 9.36 2.58
N LEU C 182 28.46 8.75 2.21
CA LEU C 182 28.39 7.97 0.99
C LEU C 182 28.64 8.80 -0.28
N VAL C 183 28.47 10.12 -0.21
CA VAL C 183 28.70 10.93 -1.40
C VAL C 183 30.20 10.98 -1.66
N ASP C 184 30.97 10.81 -0.60
CA ASP C 184 32.43 10.76 -0.67
C ASP C 184 32.91 9.32 -0.93
N SER C 185 32.45 8.38 -0.12
CA SER C 185 32.91 6.99 -0.19
C SER C 185 32.34 6.23 -1.38
N GLY C 186 31.12 6.58 -1.77
CA GLY C 186 30.39 5.82 -2.78
C GLY C 186 29.49 4.79 -2.11
N PHE C 187 28.57 4.23 -2.90
CA PHE C 187 27.63 3.22 -2.43
C PHE C 187 27.12 2.51 -3.69
N PRO C 188 26.86 1.19 -3.62
CA PRO C 188 26.56 0.42 -4.84
C PRO C 188 25.40 0.97 -5.66
N THR C 189 24.45 1.63 -5.01
CA THR C 189 23.28 2.14 -5.70
C THR C 189 23.20 3.66 -5.74
N LEU C 190 24.30 4.32 -5.39
CA LEU C 190 24.37 5.78 -5.46
C LEU C 190 24.81 6.24 -6.84
N SER C 191 23.96 7.02 -7.52
CA SER C 191 24.19 7.43 -8.90
C SER C 191 24.20 8.94 -9.01
N ASP C 192 24.82 9.45 -10.07
CA ASP C 192 24.93 10.89 -10.26
C ASP C 192 23.99 11.41 -11.34
N VAL C 193 23.63 12.68 -11.24
CA VAL C 193 22.83 13.33 -12.26
C VAL C 193 23.55 14.59 -12.72
N PHE C 194 23.68 14.70 -14.03
CA PHE C 194 24.33 15.85 -14.65
C PHE C 194 23.27 16.71 -15.33
N VAL C 195 23.41 18.03 -15.20
CA VAL C 195 22.47 18.98 -15.79
C VAL C 195 23.18 20.17 -16.41
N ARG C 196 22.46 20.88 -17.28
CA ARG C 196 22.96 22.13 -17.84
C ARG C 196 22.18 23.26 -17.19
N SER C 197 22.78 24.44 -17.11
CA SER C 197 22.09 25.59 -16.51
C SER C 197 20.77 25.81 -17.24
N GLY C 198 19.74 26.21 -16.48
CA GLY C 198 18.43 26.42 -17.05
C GLY C 198 17.53 25.20 -16.90
N ASP C 199 18.14 24.06 -16.57
CA ASP C 199 17.37 22.84 -16.34
C ASP C 199 16.70 22.85 -14.98
N VAL C 200 15.57 22.15 -14.88
CA VAL C 200 14.93 21.95 -13.61
C VAL C 200 15.02 20.48 -13.26
N LEU C 201 15.34 20.19 -12.01
CA LEU C 201 15.21 18.84 -11.51
C LEU C 201 13.99 18.83 -10.61
N LEU C 202 12.96 18.11 -11.04
CA LEU C 202 11.73 17.96 -10.27
C LEU C 202 11.93 16.82 -9.30
N LEU C 203 11.78 17.09 -8.01
CA LEU C 203 12.22 16.17 -6.97
C LEU C 203 11.16 15.78 -5.95
N ASN C 204 10.83 14.49 -5.90
CA ASN C 204 10.12 13.94 -4.77
C ASN C 204 11.05 13.97 -3.58
N GLU C 205 10.73 14.75 -2.56
CA GLU C 205 11.60 14.86 -1.38
C GLU C 205 11.72 13.56 -0.58
N ALA C 206 10.93 12.54 -0.92
CA ALA C 206 11.09 11.28 -0.22
C ALA C 206 12.41 10.61 -0.58
N LEU C 207 12.93 10.97 -1.75
CA LEU C 207 14.18 10.41 -2.28
C LEU C 207 15.39 10.74 -1.40
N MET C 208 16.28 9.78 -1.19
CA MET C 208 17.51 10.09 -0.49
C MET C 208 18.53 10.62 -1.47
N HIS C 209 19.01 11.82 -1.21
CA HIS C 209 19.82 12.53 -2.19
C HIS C 209 20.75 13.52 -1.51
N GLY C 210 21.71 14.00 -2.30
CA GLY C 210 22.64 15.02 -1.84
C GLY C 210 23.44 15.45 -3.05
N THR C 211 24.67 15.89 -2.82
CA THR C 211 25.57 16.18 -3.93
C THR C 211 26.95 15.64 -3.65
N ARG C 212 27.68 15.36 -4.71
CA ARG C 212 29.10 15.08 -4.59
C ARG C 212 29.83 16.34 -4.12
N ARG C 213 31.07 16.15 -3.70
CA ARG C 213 31.93 17.27 -3.33
C ARG C 213 32.35 18.01 -4.59
N LYS C 214 32.32 19.33 -4.54
CA LYS C 214 32.70 20.13 -5.70
C LYS C 214 34.19 20.40 -5.68
N LEU C 215 34.84 20.23 -6.82
CA LEU C 215 36.27 20.48 -6.92
C LEU C 215 36.57 21.58 -7.94
N THR C 216 35.69 21.75 -8.93
CA THR C 216 35.85 22.77 -9.96
C THR C 216 35.45 24.17 -9.48
N ARG C 220 28.72 27.14 -8.73
CA ARG C 220 27.62 26.20 -8.50
C ARG C 220 26.36 26.94 -8.03
N LEU C 221 25.44 27.19 -8.95
CA LEU C 221 24.28 28.03 -8.69
C LEU C 221 22.94 27.33 -8.96
N LEU C 222 22.05 27.38 -7.97
CA LEU C 222 20.71 26.83 -8.13
C LEU C 222 19.72 27.55 -7.21
N THR C 223 18.45 27.55 -7.60
CA THR C 223 17.40 28.03 -6.71
C THR C 223 16.40 26.91 -6.52
N ALA C 224 15.88 26.80 -5.30
CA ALA C 224 15.00 25.69 -4.96
C ALA C 224 13.67 26.20 -4.42
N PHE C 225 12.59 25.66 -4.98
CA PHE C 225 11.25 26.03 -4.57
C PHE C 225 10.50 24.79 -4.13
N GLY C 226 9.96 24.84 -2.92
CA GLY C 226 9.31 23.68 -2.35
C GLY C 226 7.81 23.89 -2.27
N TYR C 227 7.07 22.89 -2.73
CA TYR C 227 5.62 22.98 -2.83
C TYR C 227 4.99 21.82 -2.07
N GLY C 228 3.79 22.04 -1.55
CA GLY C 228 2.99 20.98 -0.97
C GLY C 228 1.53 21.37 -0.98
N PRO C 229 0.70 20.58 -0.29
CA PRO C 229 -0.72 20.91 -0.12
C PRO C 229 -0.94 22.20 0.66
N THR C 230 -2.13 22.77 0.56
CA THR C 230 -2.46 24.01 1.24
C THR C 230 -2.46 23.88 2.77
N PHE C 231 -2.55 22.65 3.29
CA PHE C 231 -2.59 22.45 4.74
C PHE C 231 -1.23 22.21 5.36
N PHE C 232 -0.18 22.23 4.54
CA PHE C 232 1.19 22.18 5.04
C PHE C 232 1.62 23.58 5.45
N THR C 233 2.36 23.69 6.54
CA THR C 233 2.98 24.98 6.91
C THR C 233 4.23 25.26 6.08
N GLU C 234 4.52 26.53 5.85
CA GLU C 234 5.72 26.93 5.13
C GLU C 234 6.93 26.35 5.83
N TRP C 235 8.00 26.07 5.09
CA TRP C 235 9.08 25.31 5.69
C TRP C 235 9.82 26.07 6.80
N ARG C 236 9.96 25.38 7.93
CA ARG C 236 10.74 25.85 9.06
C ARG C 236 11.32 24.64 9.77
N GLU C 237 12.60 24.73 10.11
CA GLU C 237 13.26 23.68 10.87
C GLU C 237 12.74 23.66 12.29
N LEU C 238 12.35 22.49 12.78
CA LEU C 238 11.88 22.35 14.16
C LEU C 238 12.65 21.25 14.87
N ASP C 239 13.09 21.53 16.10
CA ASP C 239 13.91 20.58 16.87
C ASP C 239 13.08 19.42 17.39
N ALA C 240 12.03 19.75 18.13
CA ALA C 240 11.10 18.77 18.64
C ALA C 240 9.73 19.42 18.77
N GLU C 241 8.70 18.61 19.03
CA GLU C 241 7.40 19.19 19.31
C GLU C 241 7.50 20.02 20.59
N THR C 242 6.79 21.14 20.61
CA THR C 242 6.79 22.01 21.78
C THR C 242 5.88 21.44 22.84
N ALA C 243 6.07 21.85 24.09
CA ALA C 243 5.18 21.44 25.17
C ALA C 243 3.86 22.19 25.01
N ASP C 244 3.82 23.07 24.03
CA ASP C 244 2.68 23.91 23.73
C ASP C 244 1.76 23.29 22.67
N LEU C 245 2.33 22.37 21.88
CA LEU C 245 1.67 21.82 20.68
C LEU C 245 1.20 22.92 19.74
N ARG C 246 1.77 24.11 19.89
CA ARG C 246 1.49 25.17 18.92
C ARG C 246 2.72 25.29 18.03
N GLY C 247 3.79 24.66 18.46
CA GLY C 247 5.03 24.63 17.71
C GLY C 247 4.85 24.04 16.33
N ALA C 248 5.14 24.86 15.32
CA ALA C 248 5.04 24.43 13.93
C ALA C 248 6.43 24.20 13.34
N GLY C 249 6.49 23.36 12.31
CA GLY C 249 7.71 23.13 11.60
C GLY C 249 7.91 21.69 11.18
N TYR C 250 9.03 21.44 10.53
CA TYR C 250 9.35 20.11 10.03
C TYR C 250 10.49 19.50 10.84
N VAL C 251 10.27 18.30 11.35
CA VAL C 251 11.28 17.61 12.14
C VAL C 251 11.85 16.44 11.34
N ASP C 252 13.08 16.61 10.87
CA ASP C 252 13.67 15.63 9.97
C ASP C 252 14.06 14.33 10.65
N HIS C 253 13.95 13.25 9.91
CA HIS C 253 14.47 11.99 10.41
C HIS C 253 15.96 11.99 10.15
N ASP C 254 16.63 10.89 10.47
CA ASP C 254 18.10 10.76 10.30
C ASP C 254 18.58 11.34 8.97
N VAL C 255 19.61 12.18 9.05
CA VAL C 255 20.31 12.59 7.85
C VAL C 255 21.80 12.36 8.12
N GLU C 256 22.61 12.35 7.07
CA GLU C 256 24.04 12.08 7.23
C GLU C 256 24.71 13.13 8.13
N GLU C 257 24.25 14.37 8.02
CA GLU C 257 24.77 15.47 8.85
C GLU C 257 24.76 15.16 10.35
N ASP C 258 23.78 14.37 10.79
CA ASP C 258 23.71 13.94 12.17
C ASP C 258 24.83 12.98 12.56
N PHE C 259 25.48 12.37 11.58
CA PHE C 259 26.42 11.28 11.85
C PHE C 259 27.82 11.49 11.25
N VAL C 260 27.90 12.26 10.17
CA VAL C 260 29.15 12.45 9.45
C VAL C 260 29.88 13.69 9.96
N LEU D 7 -2.40 3.03 24.38
CA LEU D 7 -3.47 2.16 23.90
C LEU D 7 -2.99 0.71 23.87
N THR D 8 -3.88 -0.22 24.23
CA THR D 8 -3.53 -1.63 24.23
C THR D 8 -3.51 -2.18 22.81
N ARG D 9 -3.05 -3.42 22.67
CA ARG D 9 -2.96 -4.05 21.35
C ARG D 9 -4.35 -4.19 20.74
N GLU D 10 -5.32 -4.53 21.58
CA GLU D 10 -6.69 -4.70 21.11
C GLU D 10 -7.27 -3.35 20.70
N GLN D 11 -6.97 -2.30 21.47
CA GLN D 11 -7.43 -0.98 21.10
C GLN D 11 -6.81 -0.54 19.77
N LEU D 12 -5.52 -0.79 19.61
CA LEU D 12 -4.84 -0.45 18.37
C LEU D 12 -5.44 -1.26 17.21
N TYR D 13 -5.77 -2.51 17.46
CA TYR D 13 -6.41 -3.34 16.44
C TYR D 13 -7.74 -2.72 16.02
N ILE D 14 -8.53 -2.34 17.03
CA ILE D 14 -9.85 -1.78 16.77
C ILE D 14 -9.76 -0.41 16.07
N PHE D 15 -8.85 0.47 16.50
CA PHE D 15 -8.70 1.74 15.80
C PHE D 15 -8.25 1.54 14.33
N ASP D 16 -7.33 0.61 14.11
CA ASP D 16 -6.84 0.32 12.77
C ASP D 16 -7.96 -0.22 11.89
N THR D 17 -8.67 -1.20 12.39
CA THR D 17 -9.67 -1.88 11.57
C THR D 17 -10.96 -1.09 11.37
N THR D 18 -11.33 -0.24 12.35
CA THR D 18 -12.60 0.51 12.25
C THR D 18 -12.48 2.01 12.00
N GLY D 19 -11.30 2.59 12.24
CA GLY D 19 -11.12 4.00 11.98
C GLY D 19 -11.46 4.85 13.17
N PHE D 20 -11.85 4.20 14.27
CA PHE D 20 -12.10 4.94 15.50
C PHE D 20 -12.01 4.06 16.75
N LEU D 21 -12.10 4.70 17.92
CA LEU D 21 -12.03 3.98 19.17
C LEU D 21 -12.75 4.74 20.26
N VAL D 22 -13.73 4.08 20.89
CA VAL D 22 -14.38 4.68 22.03
C VAL D 22 -13.67 4.25 23.31
N ILE D 23 -13.23 5.25 24.08
CA ILE D 23 -12.63 5.04 25.39
C ILE D 23 -13.57 5.59 26.46
N PRO D 24 -14.20 4.68 27.23
CA PRO D 24 -15.24 4.98 28.20
C PRO D 24 -14.72 5.66 29.48
N GLY D 25 -15.40 6.71 29.91
CA GLY D 25 -15.16 7.31 31.21
C GLY D 25 -13.79 7.92 31.39
N VAL D 26 -13.34 8.64 30.36
CA VAL D 26 -12.06 9.32 30.42
C VAL D 26 -12.13 10.45 31.43
N PHE D 27 -13.23 11.18 31.43
CA PHE D 27 -13.42 12.28 32.36
C PHE D 27 -14.56 11.96 33.32
N GLY D 28 -14.31 12.21 34.60
CA GLY D 28 -15.26 11.87 35.65
C GLY D 28 -16.41 12.84 35.72
N SER D 29 -17.45 12.46 36.45
CA SER D 29 -18.65 13.28 36.61
C SER D 29 -18.31 14.69 37.05
N GLY D 30 -17.43 14.81 38.03
CA GLY D 30 -16.96 16.10 38.48
C GLY D 30 -16.34 16.90 37.35
N GLU D 31 -15.50 16.23 36.57
CA GLU D 31 -14.84 16.89 35.46
C GLU D 31 -15.86 17.31 34.40
N VAL D 32 -16.80 16.43 34.10
CA VAL D 32 -17.79 16.67 33.06
C VAL D 32 -18.62 17.92 33.33
N GLU D 33 -19.18 18.01 34.53
CA GLU D 33 -20.02 19.14 34.90
C GLU D 33 -19.23 20.45 34.88
N SER D 34 -17.94 20.37 35.22
CA SER D 34 -17.07 21.53 35.12
C SER D 34 -16.97 22.02 33.67
N PHE D 35 -16.89 21.07 32.74
CA PHE D 35 -16.84 21.39 31.32
C PHE D 35 -18.15 21.97 30.80
N ARG D 36 -19.27 21.43 31.30
CA ARG D 36 -20.59 21.95 30.94
C ARG D 36 -20.73 23.40 31.38
N SER D 37 -20.29 23.68 32.62
CA SER D 37 -20.38 25.02 33.18
C SER D 37 -19.72 26.07 32.29
N GLU D 38 -18.49 25.80 31.86
CA GLU D 38 -17.74 26.75 31.06
C GLU D 38 -18.40 27.04 29.72
N LEU D 39 -18.95 26.00 29.09
CA LEU D 39 -19.62 26.19 27.81
C LEU D 39 -20.86 27.08 27.95
N GLU D 40 -21.60 26.91 29.05
CA GLU D 40 -22.74 27.76 29.32
C GLU D 40 -22.31 29.23 29.35
N ARG D 41 -21.14 29.46 29.94
CA ARG D 41 -20.55 30.79 29.98
C ARG D 41 -19.52 30.97 28.88
N LEU D 42 -19.97 30.86 27.64
CA LEU D 42 -19.12 31.09 26.48
C LEU D 42 -19.98 31.34 25.24
N ASP D 43 -19.52 32.25 24.38
CA ASP D 43 -20.30 32.64 23.20
C ASP D 43 -20.21 31.62 22.06
N THR D 44 -21.23 31.63 21.21
CA THR D 44 -21.34 30.69 20.10
C THR D 44 -21.58 31.43 18.78
N VAL D 45 -21.55 30.69 17.68
CA VAL D 45 -21.85 31.27 16.37
C VAL D 45 -22.81 30.37 15.59
N ASP D 46 -23.44 30.93 14.57
CA ASP D 46 -24.28 30.15 13.67
C ASP D 46 -23.42 29.62 12.52
N PRO D 47 -23.16 28.30 12.51
CA PRO D 47 -22.31 27.69 11.48
C PRO D 47 -23.08 27.37 10.21
N GLY D 48 -24.33 27.83 10.14
CA GLY D 48 -25.15 27.60 8.97
C GLY D 48 -25.77 26.22 8.99
N PHE D 49 -25.75 25.57 10.16
CA PHE D 49 -26.44 24.30 10.36
C PHE D 49 -27.62 24.50 11.30
N PRO D 50 -28.83 24.16 10.83
CA PRO D 50 -30.06 24.34 11.62
C PRO D 50 -29.97 23.74 13.02
N ARG D 51 -30.43 24.50 14.01
CA ARG D 51 -30.51 24.05 15.41
C ARG D 51 -29.17 23.61 15.95
N THR D 52 -28.12 24.29 15.50
CA THR D 52 -26.74 23.98 15.87
C THR D 52 -25.98 25.25 16.24
N ARG D 53 -25.38 25.25 17.43
CA ARG D 53 -24.56 26.37 17.88
C ARG D 53 -23.13 25.86 18.02
N ARG D 54 -22.17 26.63 17.52
CA ARG D 54 -20.79 26.19 17.55
C ARG D 54 -19.93 27.12 18.39
N TYR D 55 -19.06 26.53 19.20
CA TYR D 55 -18.03 27.27 19.92
C TYR D 55 -16.73 27.21 19.10
N PRO D 56 -16.45 28.25 18.31
CA PRO D 56 -15.46 28.23 17.22
C PRO D 56 -14.02 27.90 17.62
N ASP D 57 -13.55 28.45 18.73
CA ASP D 57 -12.15 28.29 19.11
C ASP D 57 -12.01 28.19 20.62
N LEU D 58 -12.33 27.02 21.16
CA LEU D 58 -12.35 26.82 22.60
C LEU D 58 -11.03 27.14 23.32
N PRO D 59 -9.88 26.70 22.77
CA PRO D 59 -8.65 27.02 23.51
C PRO D 59 -8.40 28.52 23.65
N ALA D 60 -8.68 29.28 22.60
CA ALA D 60 -8.51 30.73 22.64
C ALA D 60 -9.74 31.45 23.20
N ALA D 61 -10.56 30.73 23.95
CA ALA D 61 -11.76 31.34 24.53
C ALA D 61 -11.87 31.02 26.01
N SER D 62 -11.16 29.99 26.46
CA SER D 62 -11.22 29.58 27.85
C SER D 62 -10.00 28.75 28.24
N PRO D 63 -9.38 29.07 29.37
CA PRO D 63 -8.25 28.29 29.88
C PRO D 63 -8.64 26.87 30.29
N VAL D 64 -9.93 26.62 30.51
CA VAL D 64 -10.38 25.27 30.84
C VAL D 64 -10.21 24.34 29.63
N PHE D 65 -10.52 24.87 28.45
CA PHE D 65 -10.45 24.09 27.21
C PHE D 65 -9.10 24.26 26.51
N ALA D 66 -8.39 25.34 26.84
CA ALA D 66 -7.04 25.51 26.35
C ALA D 66 -6.14 24.42 26.94
N ARG D 67 -6.45 24.01 28.16
CA ARG D 67 -5.64 23.01 28.84
C ARG D 67 -6.18 21.61 28.59
N LEU D 68 -7.48 21.50 28.35
CA LEU D 68 -8.04 20.19 27.97
C LEU D 68 -7.42 19.76 26.65
N ALA D 69 -7.21 20.72 25.76
CA ALA D 69 -6.61 20.45 24.47
C ALA D 69 -5.23 19.80 24.60
N LEU D 70 -4.52 20.12 25.68
CA LEU D 70 -3.21 19.54 25.93
C LEU D 70 -3.27 18.45 27.00
N ASP D 71 -4.48 18.09 27.42
CA ASP D 71 -4.64 17.08 28.47
C ASP D 71 -4.07 15.74 28.05
N ASP D 72 -3.46 15.03 29.00
CA ASP D 72 -2.76 13.79 28.71
C ASP D 72 -3.65 12.62 28.34
N ARG D 73 -4.89 12.63 28.81
CA ARG D 73 -5.83 11.57 28.49
C ARG D 73 -6.19 11.64 27.01
N LEU D 74 -6.03 12.81 26.43
CA LEU D 74 -6.26 12.99 25.01
C LEU D 74 -4.97 12.78 24.22
N LEU D 75 -3.90 13.44 24.62
CA LEU D 75 -2.66 13.47 23.84
C LEU D 75 -2.00 12.11 23.67
N ALA D 76 -2.06 11.28 24.71
CA ALA D 76 -1.36 10.01 24.70
C ALA D 76 -1.97 9.00 23.71
N PRO D 77 -3.31 8.81 23.71
CA PRO D 77 -3.78 7.91 22.65
C PRO D 77 -3.64 8.52 21.26
N VAL D 78 -3.68 9.86 21.17
CA VAL D 78 -3.50 10.52 19.87
C VAL D 78 -2.09 10.22 19.37
N ARG D 79 -1.12 10.27 20.27
CA ARG D 79 0.25 9.98 19.90
C ARG D 79 0.37 8.59 19.30
N ASP D 80 -0.36 7.63 19.88
CA ASP D 80 -0.26 6.23 19.46
C ASP D 80 -0.90 5.97 18.10
N VAL D 81 -1.65 6.92 17.56
CA VAL D 81 -2.20 6.73 16.22
C VAL D 81 -1.67 7.75 15.21
N VAL D 82 -1.00 8.80 15.70
CA VAL D 82 -0.35 9.73 14.78
C VAL D 82 1.14 9.40 14.61
N ASN D 83 1.78 9.10 15.73
CA ASN D 83 3.21 8.75 15.77
C ASN D 83 4.07 9.73 14.96
N GLN D 84 3.77 11.01 15.14
CA GLN D 84 4.55 12.10 14.57
C GLN D 84 4.72 13.16 15.64
N PRO D 85 5.76 13.98 15.52
CA PRO D 85 5.76 15.20 16.33
C PRO D 85 4.41 15.90 16.19
N LEU D 86 3.82 16.29 17.31
CA LEU D 86 2.40 16.64 17.38
C LEU D 86 2.13 18.14 17.42
N ARG D 87 0.95 18.52 16.94
CA ARG D 87 0.51 19.91 17.00
C ARG D 87 -1.01 19.94 17.19
N LEU D 88 -1.52 21.04 17.74
CA LEU D 88 -2.95 21.32 17.82
C LEU D 88 -3.46 22.00 16.56
N LEU D 89 -4.43 21.39 15.89
CA LEU D 89 -4.91 21.95 14.64
C LEU D 89 -6.20 22.73 14.85
N GLU D 90 -6.96 22.36 15.87
CA GLU D 90 -8.25 22.98 16.15
C GLU D 90 -8.85 22.51 17.47
N GLY D 91 -9.82 23.28 17.97
CA GLY D 91 -10.52 22.92 19.19
C GLY D 91 -11.85 23.67 19.28
N TYR D 92 -12.94 22.97 19.04
CA TYR D 92 -14.25 23.63 19.03
C TYR D 92 -15.29 22.88 19.85
N GLY D 93 -16.46 23.49 20.00
CA GLY D 93 -17.56 22.88 20.71
C GLY D 93 -18.82 22.89 19.88
N LEU D 94 -19.67 21.89 20.09
CA LEU D 94 -20.97 21.82 19.41
C LEU D 94 -22.11 21.63 20.41
N ARG D 95 -23.14 22.46 20.28
CA ARG D 95 -24.36 22.33 21.07
C ARG D 95 -25.55 22.20 20.13
N ARG D 96 -26.27 21.09 20.23
CA ARG D 96 -27.35 20.81 19.31
C ARG D 96 -28.67 20.58 20.04
N THR D 97 -29.75 21.00 19.40
CA THR D 97 -31.08 20.70 19.90
C THR D 97 -31.83 19.87 18.86
N LYS D 98 -33.10 19.58 19.15
CA LYS D 98 -33.91 18.77 18.27
C LYS D 98 -33.95 19.34 16.85
N ASP D 99 -33.97 18.43 15.88
CA ASP D 99 -34.10 18.70 14.44
C ASP D 99 -32.77 19.09 13.81
N SER D 100 -31.69 18.97 14.58
CA SER D 100 -30.35 19.17 14.02
C SER D 100 -29.81 17.86 13.46
N VAL D 101 -28.80 17.97 12.59
CA VAL D 101 -28.27 16.79 11.94
C VAL D 101 -26.87 17.14 11.44
N LEU D 102 -26.04 16.13 11.22
CA LEU D 102 -24.69 16.32 10.68
C LEU D 102 -24.48 15.32 9.57
N TYR D 103 -24.58 15.77 8.33
CA TYR D 103 -24.52 14.88 7.19
C TYR D 103 -23.13 14.24 7.01
N LEU D 104 -23.05 13.16 6.25
CA LEU D 104 -21.78 12.45 6.11
C LEU D 104 -20.67 13.32 5.54
N HIS D 105 -19.49 13.16 6.11
CA HIS D 105 -18.28 13.81 5.62
C HIS D 105 -17.09 12.90 5.91
N GLY D 106 -15.94 13.19 5.29
CA GLY D 106 -14.82 12.28 5.42
C GLY D 106 -14.88 11.23 4.34
N GLY D 107 -14.12 10.14 4.51
CA GLY D 107 -14.06 9.12 3.48
C GLY D 107 -12.75 9.17 2.70
N ASN D 108 -12.08 8.03 2.64
CA ASN D 108 -10.72 7.92 2.10
C ASN D 108 -10.57 8.18 0.60
N SER D 109 -11.63 8.01 -0.20
CA SER D 109 -11.51 8.11 -1.65
C SER D 109 -12.57 8.99 -2.31
N GLU D 110 -13.12 9.96 -1.57
CA GLU D 110 -14.09 10.87 -2.14
C GLU D 110 -13.38 11.83 -3.09
N LEU D 111 -14.13 12.32 -4.07
CA LEU D 111 -13.59 13.08 -5.19
C LEU D 111 -13.54 14.59 -4.97
N LEU D 112 -12.68 15.24 -5.74
CA LEU D 112 -12.56 16.69 -5.73
C LEU D 112 -12.15 17.16 -7.12
N ASP D 113 -12.92 18.09 -7.67
CA ASP D 113 -12.63 18.62 -8.99
C ASP D 113 -11.70 19.84 -8.80
N LEU D 114 -10.51 19.77 -9.40
CA LEU D 114 -9.54 20.84 -9.27
C LEU D 114 -9.50 21.70 -10.53
N GLY D 115 -10.61 21.76 -11.23
CA GLY D 115 -10.70 22.60 -12.42
C GLY D 115 -10.21 21.90 -13.67
N ASP D 116 -8.93 21.55 -13.71
CA ASP D 116 -8.36 20.93 -14.89
C ASP D 116 -8.27 19.42 -14.73
N ARG D 117 -8.59 18.95 -13.53
CA ARG D 117 -8.47 17.54 -13.22
C ARG D 117 -9.33 17.15 -12.01
N GLN D 118 -9.57 15.86 -11.87
CA GLN D 118 -10.34 15.34 -10.74
C GLN D 118 -9.44 14.42 -9.92
N VAL D 119 -9.39 14.65 -8.59
CA VAL D 119 -8.52 13.86 -7.73
C VAL D 119 -9.31 13.08 -6.69
N GLY D 120 -8.73 11.98 -6.20
CA GLY D 120 -9.45 11.08 -5.30
C GLY D 120 -8.68 10.68 -4.04
N ARG D 121 -7.64 11.43 -3.70
CA ARG D 121 -6.96 11.30 -2.41
C ARG D 121 -6.90 12.68 -1.75
N ASP D 122 -7.13 12.72 -0.44
CA ASP D 122 -6.93 13.94 0.34
C ASP D 122 -5.76 13.67 1.25
N LEU D 123 -4.60 14.26 0.96
CA LEU D 123 -3.41 13.90 1.72
C LEU D 123 -3.46 14.31 3.19
N SER D 124 -4.41 15.17 3.56
CA SER D 124 -4.54 15.56 4.96
C SER D 124 -5.13 14.45 5.84
N ILE D 125 -5.76 13.46 5.21
CA ILE D 125 -6.31 12.35 5.98
C ILE D 125 -5.76 11.01 5.49
N THR D 126 -4.81 11.04 4.56
CA THR D 126 -4.25 9.82 4.01
C THR D 126 -3.28 9.21 4.99
N HIS D 127 -3.57 7.98 5.41
CA HIS D 127 -2.86 7.38 6.53
C HIS D 127 -2.20 6.07 6.14
N THR D 128 -1.24 5.63 6.95
CA THR D 128 -0.53 4.41 6.61
C THR D 128 -0.11 3.67 7.86
N TYR D 129 0.69 2.62 7.67
CA TYR D 129 1.12 1.75 8.74
C TYR D 129 2.51 1.28 8.38
N HIS D 130 3.39 1.22 9.38
CA HIS D 130 4.76 0.80 9.13
C HIS D 130 5.41 0.33 10.39
N ASP D 131 5.90 -0.91 10.34
CA ASP D 131 6.72 -1.50 11.41
C ASP D 131 6.07 -1.36 12.78
N GLY D 132 4.82 -1.80 12.88
CA GLY D 132 4.15 -1.89 14.17
C GLY D 132 3.48 -0.61 14.62
N LYS D 133 3.47 0.40 13.76
CA LYS D 133 2.89 1.69 14.12
C LYS D 133 1.93 2.26 13.07
N LEU D 134 0.82 2.83 13.55
CA LEU D 134 -0.10 3.60 12.73
C LEU D 134 0.41 5.01 12.51
N TYR D 135 0.20 5.53 11.31
CA TYR D 135 0.55 6.91 10.99
C TYR D 135 -0.66 7.60 10.36
N CYS D 136 -1.50 8.16 11.22
CA CYS D 136 -2.67 8.91 10.76
C CYS D 136 -2.39 10.40 10.95
N PRO D 137 -2.45 11.17 9.86
CA PRO D 137 -2.09 12.59 9.92
C PRO D 137 -3.14 13.48 10.57
N TYR D 138 -4.41 13.10 10.52
CA TYR D 138 -5.43 13.96 11.12
C TYR D 138 -6.40 13.14 11.96
N VAL D 139 -6.34 13.33 13.27
CA VAL D 139 -7.15 12.61 14.24
C VAL D 139 -7.87 13.61 15.12
N LYS D 140 -9.11 13.30 15.47
CA LYS D 140 -9.86 14.08 16.45
C LYS D 140 -10.11 13.28 17.71
N ALA D 141 -10.01 13.97 18.84
CA ALA D 141 -10.46 13.46 20.10
C ALA D 141 -11.80 14.13 20.42
N LEU D 142 -12.89 13.37 20.32
CA LEU D 142 -14.20 13.93 20.61
C LEU D 142 -14.56 13.67 22.06
N VAL D 143 -14.84 14.73 22.80
CA VAL D 143 -15.18 14.58 24.19
C VAL D 143 -16.67 14.86 24.40
N TYR D 144 -17.42 13.78 24.62
CA TYR D 144 -18.87 13.89 24.77
C TYR D 144 -19.25 14.35 26.16
N LEU D 145 -20.10 15.36 26.23
CA LEU D 145 -20.52 15.93 27.51
C LEU D 145 -22.01 15.70 27.76
N SER D 146 -22.60 14.78 27.00
CA SER D 146 -24.00 14.35 27.23
C SER D 146 -24.17 12.92 26.75
N ASP D 147 -25.19 12.24 27.27
CA ASP D 147 -25.45 10.85 26.90
C ASP D 147 -26.16 10.77 25.56
N ILE D 148 -25.69 9.85 24.73
CA ILE D 148 -26.25 9.61 23.41
C ILE D 148 -26.42 8.11 23.24
N GLN D 149 -27.63 7.61 23.50
CA GLN D 149 -27.81 6.17 23.68
C GLN D 149 -28.75 5.52 22.67
N SER D 150 -29.32 6.32 21.78
CA SER D 150 -30.21 5.86 20.72
C SER D 150 -29.95 6.69 19.48
N PRO D 151 -30.38 6.20 18.31
CA PRO D 151 -30.22 7.03 17.11
C PRO D 151 -30.96 8.37 17.21
N GLU D 152 -32.08 8.41 17.92
CA GLU D 152 -32.87 9.62 17.97
C GLU D 152 -32.25 10.66 18.91
N ASP D 153 -31.21 10.26 19.65
CA ASP D 153 -30.39 11.23 20.38
C ASP D 153 -29.38 11.91 19.46
N GLY D 154 -29.37 11.52 18.18
CA GLY D 154 -28.40 12.04 17.25
C GLY D 154 -27.07 11.32 17.41
N SER D 155 -27.13 9.99 17.38
CA SER D 155 -25.94 9.17 17.55
C SER D 155 -24.94 9.39 16.43
N PHE D 156 -23.67 9.38 16.81
CA PHE D 156 -22.55 9.30 15.87
C PHE D 156 -22.79 8.10 14.95
N CYS D 157 -22.56 8.26 13.67
CA CYS D 157 -22.66 7.12 12.75
C CYS D 157 -21.52 7.18 11.74
N TYR D 158 -21.21 6.04 11.15
CA TYR D 158 -20.04 5.92 10.29
C TYR D 158 -20.30 4.84 9.26
N VAL D 159 -19.67 5.00 8.10
CA VAL D 159 -19.73 4.00 7.04
C VAL D 159 -18.57 3.03 7.25
N GLN D 160 -18.91 1.76 7.50
CA GLN D 160 -17.92 0.77 7.86
CA GLN D 160 -17.91 0.77 7.87
C GLN D 160 -16.77 0.69 6.87
N GLY D 161 -15.55 0.78 7.37
CA GLY D 161 -14.36 0.63 6.55
C GLY D 161 -14.07 1.79 5.60
N SER D 162 -14.82 2.87 5.74
CA SER D 162 -14.73 3.97 4.79
C SER D 162 -13.39 4.73 4.89
N HIS D 163 -12.70 4.54 6.02
CA HIS D 163 -11.38 5.14 6.21
C HIS D 163 -10.32 4.49 5.33
N LYS D 164 -10.61 3.30 4.82
CA LYS D 164 -9.68 2.66 3.90
C LYS D 164 -10.29 2.38 2.53
N ALA D 165 -11.38 3.07 2.22
CA ALA D 165 -12.05 2.88 0.94
C ALA D 165 -11.17 3.26 -0.26
N ASN D 166 -11.32 2.50 -1.34
CA ASN D 166 -10.60 2.76 -2.58
C ASN D 166 -11.51 3.36 -3.66
N PHE D 167 -12.82 3.29 -3.44
CA PHE D 167 -13.82 3.86 -4.34
C PHE D 167 -14.52 5.04 -3.69
N PRO D 168 -14.94 6.02 -4.50
CA PRO D 168 -15.76 7.13 -3.99
C PRO D 168 -17.23 6.72 -3.89
N LEU D 169 -17.91 7.24 -2.89
CA LEU D 169 -19.30 6.87 -2.64
C LEU D 169 -20.29 7.96 -3.02
N LEU D 170 -20.00 9.20 -2.66
CA LEU D 170 -21.03 10.25 -2.68
C LEU D 170 -21.36 10.84 -4.07
N ARG D 171 -20.36 10.92 -4.94
CA ARG D 171 -20.55 11.50 -6.28
C ARG D 171 -21.54 10.71 -7.14
N GLU D 172 -21.50 9.39 -7.04
CA GLU D 172 -22.40 8.56 -7.84
C GLU D 172 -23.84 8.77 -7.42
N ARG D 173 -24.06 8.93 -6.11
CA ARG D 173 -25.41 9.12 -5.59
C ARG D 173 -26.01 10.41 -6.12
N ALA D 174 -25.20 11.46 -6.14
CA ALA D 174 -25.64 12.74 -6.69
C ALA D 174 -25.63 12.72 -8.22
N GLU D 178 -30.02 11.04 -5.88
CA GLU D 178 -30.18 10.65 -4.48
C GLU D 178 -29.86 11.81 -3.55
N ASN D 179 -30.83 12.70 -3.38
CA ASN D 179 -30.60 13.96 -2.65
C ASN D 179 -30.91 13.86 -1.17
N THR D 180 -31.21 12.65 -0.70
CA THR D 180 -31.45 12.40 0.72
C THR D 180 -30.20 11.86 1.40
N SER D 181 -29.82 12.45 2.53
CA SER D 181 -28.65 11.99 3.29
C SER D 181 -28.79 10.54 3.72
N LEU D 182 -27.66 9.84 3.76
CA LEU D 182 -27.63 8.46 4.21
C LEU D 182 -27.88 8.37 5.71
N VAL D 183 -27.67 9.45 6.44
CA VAL D 183 -27.92 9.39 7.89
C VAL D 183 -29.44 9.37 8.14
N ASP D 184 -30.21 9.78 7.15
CA ASP D 184 -31.66 9.72 7.23
C ASP D 184 -32.21 8.47 6.55
N SER D 185 -31.73 8.21 5.33
CA SER D 185 -32.23 7.09 4.54
C SER D 185 -31.71 5.75 5.02
N GLY D 186 -30.50 5.76 5.56
CA GLY D 186 -29.83 4.54 5.95
C GLY D 186 -28.95 4.03 4.83
N PHE D 187 -28.05 3.09 5.17
CA PHE D 187 -27.13 2.51 4.21
C PHE D 187 -26.74 1.17 4.80
N PRO D 188 -26.50 0.15 3.96
CA PRO D 188 -26.26 -1.20 4.47
C PRO D 188 -25.10 -1.33 5.45
N THR D 189 -24.12 -0.43 5.34
CA THR D 189 -22.93 -0.51 6.16
C THR D 189 -22.81 0.71 7.07
N LEU D 190 -23.89 1.47 7.21
CA LEU D 190 -23.93 2.60 8.13
C LEU D 190 -24.33 2.17 9.54
N SER D 191 -23.42 2.36 10.50
CA SER D 191 -23.58 1.85 11.86
C SER D 191 -23.56 2.99 12.87
N ASP D 192 -24.23 2.79 14.01
CA ASP D 192 -24.29 3.80 15.05
C ASP D 192 -23.36 3.47 16.20
N VAL D 193 -22.88 4.52 16.87
CA VAL D 193 -22.06 4.39 18.06
C VAL D 193 -22.71 5.17 19.19
N PHE D 194 -22.98 4.50 20.31
CA PHE D 194 -23.59 5.17 21.44
C PHE D 194 -22.54 5.45 22.52
N VAL D 195 -22.63 6.62 23.14
CA VAL D 195 -21.63 7.03 24.13
C VAL D 195 -22.25 7.56 25.41
N ARG D 196 -21.45 7.56 26.48
CA ARG D 196 -21.83 8.12 27.75
C ARG D 196 -21.10 9.44 27.97
N SER D 197 -21.74 10.36 28.70
CA SER D 197 -21.10 11.60 29.10
C SER D 197 -19.75 11.28 29.75
N GLY D 198 -18.69 11.92 29.28
CA GLY D 198 -17.36 11.66 29.79
C GLY D 198 -16.52 10.79 28.87
N ASP D 199 -17.16 10.03 27.99
CA ASP D 199 -16.41 9.17 27.08
C ASP D 199 -15.69 9.98 26.02
N VAL D 200 -14.62 9.40 25.46
CA VAL D 200 -13.87 10.01 24.37
C VAL D 200 -13.87 9.10 23.16
N LEU D 201 -14.21 9.67 22.01
CA LEU D 201 -14.15 8.94 20.75
C LEU D 201 -12.93 9.45 19.99
N LEU D 202 -11.95 8.57 19.84
CA LEU D 202 -10.75 8.83 19.06
C LEU D 202 -11.02 8.50 17.59
N LEU D 203 -10.87 9.48 16.71
CA LEU D 203 -11.37 9.36 15.35
C LEU D 203 -10.31 9.63 14.29
N ASN D 204 -10.11 8.67 13.39
CA ASN D 204 -9.37 8.89 12.16
C ASN D 204 -10.26 9.68 11.20
N GLU D 205 -9.89 10.92 10.87
CA GLU D 205 -10.73 11.76 10.01
C GLU D 205 -10.87 11.22 8.58
N ALA D 206 -10.16 10.13 8.28
CA ALA D 206 -10.33 9.41 7.03
C ALA D 206 -11.68 8.71 6.96
N LEU D 207 -12.23 8.40 8.14
CA LEU D 207 -13.52 7.72 8.24
C LEU D 207 -14.64 8.59 7.68
N MET D 208 -15.56 7.99 6.92
CA MET D 208 -16.75 8.73 6.52
C MET D 208 -17.77 8.62 7.63
N HIS D 209 -18.16 9.76 8.19
CA HIS D 209 -18.91 9.75 9.43
C HIS D 209 -19.83 10.95 9.50
N GLY D 210 -20.78 10.89 10.45
CA GLY D 210 -21.66 12.01 10.73
C GLY D 210 -22.47 11.71 11.97
N THR D 211 -23.69 12.23 12.01
CA THR D 211 -24.61 11.85 13.07
C THR D 211 -26.02 11.71 12.52
N ARG D 212 -26.81 10.89 13.18
CA ARG D 212 -28.24 10.82 12.94
C ARG D 212 -28.90 12.14 13.31
N ARG D 213 -30.10 12.33 12.79
CA ARG D 213 -30.93 13.50 13.13
C ARG D 213 -31.39 13.38 14.58
N LYS D 214 -31.21 14.45 15.36
CA LYS D 214 -31.61 14.44 16.75
C LYS D 214 -33.10 14.74 16.87
N LEU D 215 -33.84 13.86 17.53
CA LEU D 215 -35.28 13.99 17.67
C LEU D 215 -35.71 14.23 19.11
N THR D 216 -34.78 14.01 20.02
CA THR D 216 -35.07 14.16 21.44
C THR D 216 -34.80 15.57 21.95
N GLU D 217 -35.43 15.93 23.06
CA GLU D 217 -35.20 17.24 23.66
C GLU D 217 -34.02 17.20 24.63
N GLY D 218 -33.58 18.37 25.05
CA GLY D 218 -32.36 18.46 25.84
C GLY D 218 -31.21 18.79 24.92
N ASP D 219 -30.10 19.22 25.47
CA ASP D 219 -28.96 19.62 24.66
C ASP D 219 -27.97 18.49 24.44
N ARG D 220 -27.58 18.32 23.17
CA ARG D 220 -26.49 17.40 22.81
C ARG D 220 -25.21 18.21 22.78
N LEU D 221 -24.20 17.76 23.53
CA LEU D 221 -23.01 18.56 23.78
C LEU D 221 -21.71 17.79 23.66
N LEU D 222 -20.75 18.34 22.91
CA LEU D 222 -19.40 17.78 22.87
C LEU D 222 -18.36 18.85 22.56
N THR D 223 -17.10 18.49 22.79
CA THR D 223 -15.96 19.34 22.47
C THR D 223 -14.93 18.57 21.64
N ALA D 224 -14.57 19.09 20.48
CA ALA D 224 -13.74 18.36 19.53
C ALA D 224 -12.35 19.00 19.36
N PHE D 225 -11.32 18.18 19.47
CA PHE D 225 -9.95 18.65 19.36
C PHE D 225 -9.23 17.93 18.24
N GLY D 226 -8.67 18.70 17.32
CA GLY D 226 -8.02 18.15 16.15
C GLY D 226 -6.52 18.21 16.24
N TYR D 227 -5.87 17.09 15.92
CA TYR D 227 -4.42 17.00 15.96
C TYR D 227 -3.82 16.49 14.67
N GLY D 228 -2.57 16.85 14.45
CA GLY D 228 -1.84 16.44 13.28
C GLY D 228 -0.36 16.68 13.53
N PRO D 229 0.46 16.38 12.52
CA PRO D 229 1.90 16.57 12.64
C PRO D 229 2.25 18.05 12.73
N THR D 230 3.48 18.37 13.13
CA THR D 230 3.85 19.76 13.35
C THR D 230 3.91 20.58 12.05
N PHE D 231 3.98 19.91 10.91
CA PHE D 231 3.98 20.62 9.64
C PHE D 231 2.57 20.80 9.07
N PHE D 232 1.55 20.38 9.81
CA PHE D 232 0.19 20.72 9.39
C PHE D 232 -0.16 22.13 9.88
N THR D 233 -0.91 22.87 9.06
CA THR D 233 -1.45 24.15 9.49
C THR D 233 -2.68 23.96 10.36
N GLU D 234 -2.96 24.95 11.20
CA GLU D 234 -4.20 24.94 11.98
C GLU D 234 -5.39 24.94 11.04
N TRP D 235 -6.48 24.30 11.43
CA TRP D 235 -7.59 24.09 10.52
C TRP D 235 -8.22 25.39 10.04
N ARG D 236 -8.51 25.44 8.74
CA ARG D 236 -9.11 26.59 8.09
C ARG D 236 -9.72 26.17 6.76
N GLU D 237 -10.95 26.60 6.50
CA GLU D 237 -11.61 26.25 5.25
C GLU D 237 -11.07 27.07 4.08
N LEU D 238 -10.74 26.39 2.99
CA LEU D 238 -10.32 27.03 1.75
C LEU D 238 -11.22 26.58 0.60
N ASP D 239 -11.81 27.53 -0.11
CA ASP D 239 -12.62 27.20 -1.27
C ASP D 239 -11.74 26.58 -2.34
N ALA D 240 -10.53 27.10 -2.49
CA ALA D 240 -9.57 26.59 -3.45
C ALA D 240 -8.19 27.12 -3.14
N GLU D 241 -7.18 26.62 -3.86
CA GLU D 241 -5.84 27.18 -3.74
C GLU D 241 -5.90 28.63 -4.24
N THR D 242 -5.08 29.49 -3.64
CA THR D 242 -5.06 30.91 -3.99
C THR D 242 -4.17 31.17 -5.20
N ALA D 243 -4.41 32.29 -5.88
CA ALA D 243 -3.70 32.64 -7.10
C ALA D 243 -2.20 32.86 -6.87
N ASP D 244 -1.83 33.22 -5.64
CA ASP D 244 -0.42 33.47 -5.34
C ASP D 244 0.18 32.35 -4.50
N LEU D 245 -0.57 31.25 -4.38
CA LEU D 245 -0.11 30.02 -3.72
C LEU D 245 0.33 30.23 -2.29
N ARG D 246 -0.19 31.25 -1.62
CA ARG D 246 0.14 31.42 -0.21
C ARG D 246 -1.06 31.17 0.68
N GLY D 247 -2.21 30.92 0.06
CA GLY D 247 -3.40 30.56 0.81
C GLY D 247 -3.26 29.22 1.50
N ALA D 248 -3.46 29.22 2.82
CA ALA D 248 -3.35 28.04 3.66
C ALA D 248 -4.72 27.55 4.10
N GLY D 249 -4.84 26.25 4.35
CA GLY D 249 -6.11 25.69 4.78
C GLY D 249 -6.41 24.36 4.14
N TYR D 250 -7.65 23.93 4.28
CA TYR D 250 -8.06 22.57 3.93
C TYR D 250 -9.20 22.60 2.93
N VAL D 251 -8.99 21.95 1.78
CA VAL D 251 -10.02 21.92 0.76
C VAL D 251 -10.66 20.53 0.75
N ASP D 252 -11.87 20.44 1.30
CA ASP D 252 -12.54 19.16 1.45
C ASP D 252 -12.96 18.55 0.12
N HIS D 253 -12.91 17.22 0.06
CA HIS D 253 -13.47 16.52 -1.08
C HIS D 253 -14.97 16.40 -0.86
N ASP D 254 -15.66 15.70 -1.75
CA ASP D 254 -17.11 15.54 -1.68
C ASP D 254 -17.61 15.27 -0.26
N VAL D 255 -18.63 16.01 0.17
CA VAL D 255 -19.32 15.71 1.43
C VAL D 255 -20.82 15.81 1.15
N GLU D 256 -21.65 15.21 2.00
CA GLU D 256 -23.08 15.18 1.71
C GLU D 256 -23.70 16.58 1.66
N GLU D 257 -23.17 17.49 2.46
CA GLU D 257 -23.59 18.90 2.44
C GLU D 257 -23.54 19.51 1.03
N ASP D 258 -22.72 18.93 0.16
CA ASP D 258 -22.57 19.45 -1.20
C ASP D 258 -23.78 19.19 -2.10
N PHE D 259 -24.68 18.31 -1.69
CA PHE D 259 -25.86 18.02 -2.50
C PHE D 259 -27.07 17.55 -1.72
N VAL D 260 -27.03 17.68 -0.40
CA VAL D 260 -28.23 17.40 0.39
C VAL D 260 -28.77 18.69 1.00
#